data_4X4J
#
_entry.id   4X4J
#
_cell.length_a   150.672
_cell.length_b   80.379
_cell.length_c   105.079
_cell.angle_alpha   90.00
_cell.angle_beta   126.19
_cell.angle_gamma   90.00
#
_symmetry.space_group_name_H-M   'C 1 2 1'
#
loop_
_entity.id
_entity.type
_entity.pdbx_description
1 polymer 'Putative oxygenase'
2 non-polymer 'SULFATE ION'
3 non-polymer 'FLAVIN-ADENINE DINUCLEOTIDE'
4 water water
#
_entity_poly.entity_id   1
_entity_poly.type   'polypeptide(L)'
_entity_poly.pdbx_seq_one_letter_code
;MGSSHHHHHHSSGLVPRGSHMDAPVVIAGAGPAGLMLAGELRLAGIGVVVLERLPARTGESRGLGFTARTMEVFDQRGLL
RRFGEVQTSDQGHFGGIPVDFGLLDGAHQAAKTIPQSATEAVLEAWAGELGADIRRGHELTGVRDDGDGVAVTVRGPAGE
HVLRAGWLVGCDGGRSAVRKAVGFDFPGTAATREMFLADLRGVELEPRMIGESLPGGMVMVGPLPGGVTRIIVCERDAPP
RRRTGPPPFHEVADAWKRITGIDISAAEPVWLSAFGDATRQVTEYRRGRVLLAGDAAHVHLPAGGQGMNAGIQDAVNLGW
KLAAVVRGTARADLLDTYHGERHPVGVRLLMNTRAQGLLFLNGAEMQPLRDVLAELTGYPDVARHLAAMVSGLEIAYDVG
GGSHPWLGRRLPRLELDRGGRPSSTAELLRPARGLLLDFAGNAALRDRAAPWAGRIDVVTARPAAGRVPGATTAVLVRPD
GHVAWAAPGTHADLPMALERWFGPAPR
;
_entity_poly.pdbx_strand_id   A,B
#
# COMPACT_ATOMS: atom_id res chain seq x y z
N ASP A 22 16.90 25.00 -3.35
CA ASP A 22 17.06 23.63 -3.83
C ASP A 22 16.06 22.70 -3.12
N ALA A 23 15.93 22.91 -1.81
CA ALA A 23 14.99 22.18 -0.95
C ALA A 23 15.02 22.80 0.44
N PRO A 24 13.87 22.93 1.09
CA PRO A 24 13.80 23.61 2.39
C PRO A 24 14.29 22.57 3.40
N VAL A 25 13.87 21.31 3.22
CA VAL A 25 14.33 20.22 4.08
C VAL A 25 14.76 19.03 3.24
N VAL A 26 15.84 18.39 3.64
CA VAL A 26 16.27 17.15 2.99
C VAL A 26 16.32 15.99 3.98
N ILE A 27 15.60 14.92 3.66
CA ILE A 27 15.57 13.74 4.51
C ILE A 27 16.37 12.61 3.86
N ALA A 28 17.37 12.13 4.59
CA ALA A 28 18.11 10.95 4.14
C ALA A 28 17.44 9.69 4.70
N GLY A 29 16.90 8.88 3.81
CA GLY A 29 16.25 7.64 4.23
C GLY A 29 14.75 7.67 4.04
N ALA A 30 14.21 6.64 3.40
CA ALA A 30 12.77 6.55 3.16
C ALA A 30 12.17 5.29 3.79
N GLY A 31 12.57 5.01 5.03
CA GLY A 31 11.93 3.98 5.81
C GLY A 31 10.80 4.62 6.61
N PRO A 32 10.30 3.93 7.65
CA PRO A 32 9.20 4.43 8.48
C PRO A 32 9.42 5.85 9.00
N ALA A 33 10.59 6.11 9.58
CA ALA A 33 10.88 7.43 10.14
C ALA A 33 10.93 8.51 9.06
N GLY A 34 11.65 8.23 7.97
CA GLY A 34 11.80 9.18 6.88
C GLY A 34 10.49 9.48 6.19
N LEU A 35 9.73 8.43 5.88
CA LEU A 35 8.47 8.59 5.16
C LEU A 35 7.42 9.30 6.00
N MET A 36 7.33 8.96 7.28
CA MET A 36 6.36 9.58 8.16
C MET A 36 6.64 11.07 8.30
N LEU A 37 7.92 11.42 8.45
CA LEU A 37 8.34 12.80 8.59
C LEU A 37 8.04 13.59 7.32
N ALA A 38 8.34 13.00 6.17
CA ALA A 38 8.06 13.61 4.88
C ALA A 38 6.57 13.93 4.75
N GLY A 39 5.73 13.02 5.20
CA GLY A 39 4.30 13.24 5.18
C GLY A 39 3.90 14.39 6.10
N GLU A 40 4.45 14.39 7.30
CA GLU A 40 4.15 15.41 8.30
C GLU A 40 4.58 16.80 7.86
N LEU A 41 5.63 16.87 7.05
CA LEU A 41 6.11 18.13 6.51
C LEU A 41 5.22 18.60 5.36
N ARG A 42 4.92 17.68 4.44
CA ARG A 42 4.07 17.96 3.30
C ARG A 42 2.71 18.49 3.72
N LEU A 43 2.19 17.97 4.83
CA LEU A 43 0.92 18.43 5.38
C LEU A 43 0.98 19.89 5.75
N ALA A 44 2.17 20.36 6.12
CA ALA A 44 2.35 21.75 6.52
C ALA A 44 2.77 22.62 5.34
N GLY A 45 2.93 22.01 4.18
CA GLY A 45 3.24 22.74 2.96
C GLY A 45 4.73 22.95 2.78
N ILE A 46 5.53 22.23 3.55
CA ILE A 46 6.97 22.33 3.45
C ILE A 46 7.50 21.47 2.33
N GLY A 47 8.25 22.08 1.41
CA GLY A 47 8.89 21.34 0.35
C GLY A 47 9.98 20.46 0.93
N VAL A 48 9.97 19.18 0.57
CA VAL A 48 10.91 18.23 1.14
C VAL A 48 11.42 17.22 0.12
N VAL A 49 12.73 17.02 0.12
CA VAL A 49 13.34 16.00 -0.73
C VAL A 49 13.77 14.82 0.12
N VAL A 50 13.33 13.62 -0.26
CA VAL A 50 13.69 12.41 0.46
C VAL A 50 14.68 11.58 -0.36
N LEU A 51 15.80 11.24 0.27
CA LEU A 51 16.84 10.45 -0.38
C LEU A 51 16.81 9.00 0.08
N GLU A 52 16.60 8.08 -0.85
CA GLU A 52 16.63 6.66 -0.53
C GLU A 52 17.63 5.96 -1.43
N ARG A 53 18.61 5.30 -0.81
CA ARG A 53 19.67 4.62 -1.56
C ARG A 53 19.14 3.45 -2.39
N LEU A 54 18.10 2.78 -1.88
CA LEU A 54 17.53 1.63 -2.56
C LEU A 54 16.57 2.04 -3.66
N PRO A 55 16.79 1.52 -4.88
CA PRO A 55 15.96 1.80 -6.05
C PRO A 55 14.53 1.32 -5.84
N ALA A 56 14.39 0.14 -5.23
CA ALA A 56 13.08 -0.40 -4.92
C ALA A 56 13.09 -0.98 -3.52
N ARG A 57 11.89 -1.20 -2.97
CA ARG A 57 11.77 -1.81 -1.65
C ARG A 57 12.32 -3.24 -1.70
N THR A 58 13.03 -3.64 -0.66
CA THR A 58 13.63 -4.97 -0.61
C THR A 58 12.58 -6.06 -0.36
N GLY A 59 11.60 -5.75 0.49
CA GLY A 59 10.55 -6.68 0.80
C GLY A 59 10.76 -7.41 2.11
N GLU A 60 11.46 -6.76 3.04
CA GLU A 60 11.62 -7.30 4.37
C GLU A 60 10.35 -7.11 5.16
N SER A 61 9.73 -8.21 5.58
CA SER A 61 8.56 -8.14 6.43
C SER A 61 8.93 -7.49 7.76
N ARG A 62 10.14 -7.83 8.24
CA ARG A 62 10.61 -7.39 9.55
C ARG A 62 9.54 -7.66 10.59
N GLY A 63 9.19 -6.63 11.35
CA GLY A 63 8.18 -6.76 12.39
C GLY A 63 6.77 -6.91 11.89
N LEU A 64 5.87 -7.32 12.79
CA LEU A 64 4.46 -7.40 12.48
C LEU A 64 3.66 -6.50 13.41
N GLY A 65 2.77 -5.71 12.83
CA GLY A 65 1.90 -4.84 13.61
C GLY A 65 2.57 -3.58 14.12
N PHE A 66 1.82 -2.83 14.91
CA PHE A 66 2.36 -1.65 15.57
C PHE A 66 1.64 -1.41 16.88
N THR A 67 2.21 -0.56 17.73
CA THR A 67 1.65 -0.33 19.05
C THR A 67 0.37 0.50 19.00
N ALA A 68 -0.31 0.59 20.14
CA ALA A 68 -1.55 1.33 20.26
C ALA A 68 -1.35 2.80 19.92
N ARG A 69 -0.26 3.38 20.42
CA ARG A 69 0.04 4.78 20.18
C ARG A 69 0.31 5.04 18.70
N THR A 70 1.04 4.14 18.05
CA THR A 70 1.31 4.25 16.63
C THR A 70 0.01 4.16 15.85
N MET A 71 -0.91 3.31 16.31
CA MET A 71 -2.22 3.21 15.68
C MET A 71 -2.96 4.53 15.85
N GLU A 72 -2.80 5.14 17.03
CA GLU A 72 -3.47 6.39 17.34
C GLU A 72 -2.95 7.56 16.51
N VAL A 73 -1.65 7.58 16.22
CA VAL A 73 -1.09 8.65 15.41
C VAL A 73 -1.43 8.47 13.93
N PHE A 74 -1.60 7.20 13.51
CA PHE A 74 -2.06 6.91 12.17
C PHE A 74 -3.49 7.38 11.99
N ASP A 75 -4.31 7.12 12.99
CA ASP A 75 -5.71 7.53 12.97
C ASP A 75 -5.79 9.05 12.95
N GLN A 76 -4.78 9.71 13.53
CA GLN A 76 -4.72 11.17 13.55
C GLN A 76 -4.47 11.77 12.17
N ARG A 77 -4.08 10.93 11.22
CA ARG A 77 -3.82 11.40 9.85
C ARG A 77 -4.69 10.66 8.84
N GLY A 78 -5.64 9.88 9.34
CA GLY A 78 -6.55 9.14 8.48
C GLY A 78 -5.85 8.06 7.67
N LEU A 79 -4.85 7.42 8.28
CA LEU A 79 -4.05 6.42 7.59
C LEU A 79 -4.50 4.99 7.91
N LEU A 80 -5.32 4.83 8.95
CA LEU A 80 -5.73 3.50 9.38
C LEU A 80 -6.49 2.73 8.30
N ARG A 81 -7.38 3.42 7.58
CA ARG A 81 -8.19 2.74 6.57
C ARG A 81 -7.39 2.36 5.33
N ARG A 82 -6.14 2.79 5.26
CA ARG A 82 -5.26 2.37 4.16
C ARG A 82 -4.70 0.97 4.40
N PHE A 83 -4.99 0.41 5.57
CA PHE A 83 -4.58 -0.95 5.90
C PHE A 83 -5.73 -1.94 5.75
N GLY A 84 -6.94 -1.41 5.70
CA GLY A 84 -8.14 -2.22 5.70
C GLY A 84 -8.82 -2.15 7.06
N GLU A 85 -9.12 -3.27 7.66
CA GLU A 85 -9.56 -3.17 9.01
C GLU A 85 -8.44 -3.72 9.82
N VAL A 86 -8.21 -3.03 10.90
CA VAL A 86 -7.12 -3.35 11.82
C VAL A 86 -7.63 -4.14 13.02
N GLN A 87 -6.90 -5.20 13.38
CA GLN A 87 -7.30 -6.05 14.47
C GLN A 87 -6.52 -5.78 15.74
N THR A 88 -7.23 -5.40 16.80
CA THR A 88 -6.61 -5.17 18.09
C THR A 88 -6.51 -6.47 18.89
N SER A 89 -5.71 -6.45 19.94
CA SER A 89 -5.52 -7.62 20.79
C SER A 89 -5.05 -7.18 22.17
N ASP A 90 -5.72 -7.68 23.20
CA ASP A 90 -5.34 -7.36 24.57
C ASP A 90 -4.24 -8.28 25.07
N GLN A 91 -3.85 -9.23 24.23
CA GLN A 91 -2.80 -10.19 24.58
C GLN A 91 -1.42 -9.57 24.38
N GLY A 92 -0.91 -8.93 25.42
CA GLY A 92 0.41 -8.33 25.37
C GLY A 92 1.49 -9.23 25.95
N HIS A 93 2.74 -8.86 25.75
CA HIS A 93 3.86 -9.62 26.27
C HIS A 93 4.99 -8.69 26.70
N PHE A 94 5.67 -9.06 27.78
CA PHE A 94 6.87 -8.35 28.20
C PHE A 94 8.00 -9.34 28.45
N GLY A 95 8.97 -9.36 27.54
CA GLY A 95 10.08 -10.30 27.63
C GLY A 95 9.63 -11.75 27.57
N GLY A 96 8.51 -11.98 26.88
CA GLY A 96 8.00 -13.33 26.74
C GLY A 96 6.84 -13.61 27.67
N ILE A 97 6.88 -13.04 28.87
CA ILE A 97 5.81 -13.23 29.86
C ILE A 97 4.54 -12.53 29.42
N PRO A 98 3.46 -13.29 29.20
CA PRO A 98 2.18 -12.73 28.77
C PRO A 98 1.59 -11.75 29.77
N VAL A 99 1.08 -10.63 29.26
CA VAL A 99 0.47 -9.60 30.09
C VAL A 99 -0.86 -9.16 29.49
N ASP A 100 -1.87 -9.01 30.33
CA ASP A 100 -3.18 -8.55 29.87
C ASP A 100 -3.18 -7.05 29.69
N PHE A 101 -3.09 -6.60 28.44
CA PHE A 101 -3.05 -5.15 28.14
C PHE A 101 -4.43 -4.53 28.22
N GLY A 102 -5.45 -5.37 28.37
CA GLY A 102 -6.83 -4.91 28.44
C GLY A 102 -7.15 -4.20 29.74
N LEU A 103 -6.30 -4.39 30.75
CA LEU A 103 -6.50 -3.76 32.05
C LEU A 103 -6.17 -2.27 31.99
N LEU A 104 -5.49 -1.86 30.92
CA LEU A 104 -5.24 -0.45 30.67
C LEU A 104 -5.99 -0.03 29.40
N ASP A 105 -6.82 1.00 29.51
CA ASP A 105 -7.68 1.40 28.41
C ASP A 105 -6.90 1.88 27.18
N GLY A 106 -7.10 1.20 26.06
CA GLY A 106 -6.57 1.62 24.79
C GLY A 106 -5.14 1.21 24.51
N ALA A 107 -4.59 0.33 25.34
CA ALA A 107 -3.19 -0.08 25.21
C ALA A 107 -3.01 -1.33 24.36
N HIS A 108 -4.10 -1.79 23.76
CA HIS A 108 -4.09 -3.02 22.97
C HIS A 108 -3.13 -2.97 21.78
N GLN A 109 -2.32 -4.02 21.63
CA GLN A 109 -1.50 -4.18 20.44
C GLN A 109 -2.39 -4.24 19.21
N ALA A 110 -1.90 -3.70 18.10
CA ALA A 110 -2.71 -3.61 16.90
C ALA A 110 -2.04 -4.24 15.69
N ALA A 111 -2.86 -4.66 14.73
CA ALA A 111 -2.40 -5.08 13.42
C ALA A 111 -1.39 -6.23 13.43
N LYS A 112 -1.55 -7.14 14.39
CA LYS A 112 -0.60 -8.24 14.60
C LYS A 112 -0.25 -9.09 13.36
N THR A 113 -0.87 -8.78 12.23
CA THR A 113 -0.64 -9.53 11.01
C THR A 113 0.01 -8.66 9.94
N ILE A 114 -0.03 -7.34 10.13
CA ILE A 114 0.50 -6.41 9.13
C ILE A 114 2.02 -6.27 9.26
N PRO A 115 2.76 -6.63 8.20
CA PRO A 115 4.22 -6.53 8.17
C PRO A 115 4.69 -5.10 7.91
N GLN A 116 5.89 -4.78 8.38
CA GLN A 116 6.45 -3.44 8.22
C GLN A 116 6.59 -3.03 6.75
N SER A 117 6.85 -4.00 5.89
CA SER A 117 6.94 -3.75 4.46
C SER A 117 5.65 -3.15 3.92
N ALA A 118 4.52 -3.62 4.45
CA ALA A 118 3.22 -3.10 4.05
C ALA A 118 2.97 -1.72 4.63
N THR A 119 3.43 -1.51 5.86
CA THR A 119 3.30 -0.21 6.52
C THR A 119 4.17 0.83 5.82
N GLU A 120 5.37 0.41 5.39
CA GLU A 120 6.25 1.27 4.62
C GLU A 120 5.62 1.66 3.29
N ALA A 121 4.93 0.70 2.68
CA ALA A 121 4.30 0.92 1.37
C ALA A 121 3.12 1.89 1.50
N VAL A 122 2.41 1.81 2.63
CA VAL A 122 1.34 2.74 2.92
C VAL A 122 1.89 4.16 3.06
N LEU A 123 2.98 4.27 3.81
CA LEU A 123 3.57 5.57 4.10
C LEU A 123 4.23 6.24 2.89
N GLU A 124 4.77 5.44 1.98
CA GLU A 124 5.42 5.99 0.80
C GLU A 124 4.40 6.57 -0.17
N ALA A 125 3.30 5.85 -0.38
CA ALA A 125 2.23 6.33 -1.25
C ALA A 125 1.62 7.61 -0.69
N TRP A 126 1.45 7.65 0.63
CA TRP A 126 0.90 8.81 1.31
C TRP A 126 1.83 10.01 1.18
N ALA A 127 3.13 9.76 1.26
CA ALA A 127 4.11 10.83 1.12
C ALA A 127 4.11 11.35 -0.31
N GLY A 128 4.17 10.43 -1.26
CA GLY A 128 4.20 10.78 -2.68
C GLY A 128 2.97 11.56 -3.13
N GLU A 129 1.80 11.14 -2.66
CA GLU A 129 0.57 11.82 -3.02
C GLU A 129 0.51 13.23 -2.42
N LEU A 130 1.24 13.43 -1.32
CA LEU A 130 1.26 14.72 -0.65
C LEU A 130 2.27 15.67 -1.26
N GLY A 131 3.01 15.19 -2.26
CA GLY A 131 3.92 16.04 -3.00
C GLY A 131 5.39 15.84 -2.67
N ALA A 132 5.68 14.91 -1.79
CA ALA A 132 7.06 14.64 -1.36
C ALA A 132 7.92 14.17 -2.54
N ASP A 133 9.06 14.82 -2.70
CA ASP A 133 10.01 14.48 -3.76
C ASP A 133 10.86 13.29 -3.31
N ILE A 134 10.38 12.09 -3.61
CA ILE A 134 11.07 10.88 -3.18
C ILE A 134 11.99 10.35 -4.27
N ARG A 135 13.30 10.39 -4.01
CA ARG A 135 14.30 10.02 -5.00
C ARG A 135 15.01 8.74 -4.60
N ARG A 136 14.63 7.63 -5.24
CA ARG A 136 15.24 6.34 -4.96
C ARG A 136 16.43 6.10 -5.87
N GLY A 137 17.42 5.36 -5.35
CA GLY A 137 18.67 5.16 -6.07
C GLY A 137 19.62 6.31 -5.80
N HIS A 138 19.32 7.06 -4.75
CA HIS A 138 20.13 8.21 -4.34
C HIS A 138 20.77 7.99 -2.98
N GLU A 139 22.08 7.79 -2.96
CA GLU A 139 22.78 7.56 -1.70
C GLU A 139 23.53 8.79 -1.22
N LEU A 140 23.21 9.25 -0.02
CA LEU A 140 23.94 10.33 0.63
C LEU A 140 25.34 9.84 0.94
N THR A 141 26.34 10.69 0.70
CA THR A 141 27.73 10.31 0.89
C THR A 141 28.47 11.31 1.77
N GLY A 142 27.90 12.50 1.92
CA GLY A 142 28.54 13.52 2.73
C GLY A 142 27.65 14.71 3.06
N VAL A 143 28.06 15.46 4.07
CA VAL A 143 27.32 16.65 4.48
C VAL A 143 28.20 17.64 5.27
N ARG A 144 28.25 18.87 4.80
CA ARG A 144 28.85 19.95 5.59
C ARG A 144 27.77 20.95 5.99
N ASP A 145 27.77 21.32 7.27
CA ASP A 145 26.80 22.29 7.79
C ASP A 145 27.33 23.70 7.59
N ASP A 146 26.66 24.46 6.72
CA ASP A 146 27.13 25.80 6.34
C ASP A 146 26.65 26.89 7.29
N GLY A 147 26.49 26.55 8.56
CA GLY A 147 26.11 27.53 9.57
C GLY A 147 24.67 28.01 9.49
N ASP A 148 24.22 28.30 8.27
CA ASP A 148 22.83 28.74 8.05
C ASP A 148 22.18 27.88 6.96
N GLY A 149 22.94 26.93 6.45
CA GLY A 149 22.44 26.01 5.46
C GLY A 149 23.18 24.68 5.53
N VAL A 150 22.74 23.71 4.74
CA VAL A 150 23.39 22.40 4.71
C VAL A 150 23.67 21.99 3.27
N ALA A 151 24.91 21.58 2.99
CA ALA A 151 25.28 21.09 1.67
C ALA A 151 25.39 19.57 1.68
N VAL A 152 24.56 18.92 0.86
CA VAL A 152 24.48 17.47 0.83
C VAL A 152 25.01 16.89 -0.48
N THR A 153 25.96 15.97 -0.38
CA THR A 153 26.51 15.32 -1.56
C THR A 153 25.90 13.93 -1.76
N VAL A 154 25.24 13.73 -2.90
CA VAL A 154 24.51 12.49 -3.17
C VAL A 154 24.94 11.87 -4.49
N ARG A 155 25.03 10.54 -4.51
CA ARG A 155 25.37 9.84 -5.75
C ARG A 155 24.14 9.15 -6.34
N GLY A 156 23.52 9.80 -7.32
CA GLY A 156 22.34 9.26 -7.95
C GLY A 156 22.67 8.49 -9.23
N PRO A 157 21.64 8.23 -10.05
CA PRO A 157 21.79 7.52 -11.33
C PRO A 157 22.81 8.19 -12.25
N ALA A 158 22.69 9.51 -12.40
CA ALA A 158 23.63 10.27 -13.21
C ALA A 158 25.05 10.16 -12.66
N GLY A 159 25.21 10.52 -11.40
CA GLY A 159 26.50 10.48 -10.74
C GLY A 159 26.46 11.34 -9.49
N GLU A 160 27.64 11.76 -9.01
CA GLU A 160 27.69 12.64 -7.85
C GLU A 160 27.11 14.01 -8.16
N HIS A 161 26.36 14.56 -7.21
CA HIS A 161 25.85 15.92 -7.31
C HIS A 161 25.57 16.47 -5.92
N VAL A 162 25.52 17.80 -5.80
CA VAL A 162 25.40 18.43 -4.49
C VAL A 162 24.07 19.14 -4.31
N LEU A 163 23.38 18.82 -3.23
CA LEU A 163 22.14 19.50 -2.87
C LEU A 163 22.36 20.44 -1.70
N ARG A 164 21.78 21.64 -1.79
CA ARG A 164 21.85 22.60 -0.70
C ARG A 164 20.47 22.69 -0.05
N ALA A 165 20.44 22.68 1.28
CA ALA A 165 19.17 22.73 2.00
C ALA A 165 19.28 23.52 3.29
N GLY A 166 18.12 23.99 3.76
CA GLY A 166 18.07 24.65 5.07
C GLY A 166 18.29 23.63 6.16
N TRP A 167 17.69 22.44 6.00
CA TRP A 167 17.74 21.42 7.03
C TRP A 167 17.93 20.01 6.47
N LEU A 168 18.77 19.23 7.15
CA LEU A 168 18.96 17.82 6.80
C LEU A 168 18.56 16.95 7.98
N VAL A 169 17.58 16.09 7.77
CA VAL A 169 17.18 15.14 8.80
C VAL A 169 17.65 13.73 8.45
N GLY A 170 18.41 13.12 9.36
CA GLY A 170 18.92 11.79 9.13
C GLY A 170 17.98 10.71 9.62
N CYS A 171 17.29 10.06 8.69
CA CYS A 171 16.44 8.92 9.00
C CYS A 171 16.94 7.72 8.20
N ASP A 172 18.26 7.54 8.21
CA ASP A 172 18.90 6.54 7.35
C ASP A 172 19.33 5.28 8.08
N GLY A 173 18.65 4.96 9.18
CA GLY A 173 18.86 3.70 9.86
C GLY A 173 20.00 3.67 10.86
N GLY A 174 20.27 2.49 11.41
CA GLY A 174 21.27 2.34 12.45
C GLY A 174 22.69 2.57 11.99
N ARG A 175 22.95 2.34 10.72
CA ARG A 175 24.26 2.59 10.14
C ARG A 175 24.27 3.95 9.45
N SER A 176 23.60 4.92 10.06
CA SER A 176 23.37 6.23 9.45
C SER A 176 24.63 6.93 8.97
N ALA A 177 24.70 7.21 7.68
CA ALA A 177 25.82 7.93 7.10
C ALA A 177 25.81 9.39 7.55
N VAL A 178 24.60 9.91 7.81
CA VAL A 178 24.45 11.29 8.26
C VAL A 178 25.00 11.48 9.66
N ARG A 179 24.75 10.52 10.55
CA ARG A 179 25.24 10.60 11.91
C ARG A 179 26.77 10.59 11.97
N LYS A 180 27.38 9.77 11.12
CA LYS A 180 28.83 9.60 11.14
C LYS A 180 29.57 10.77 10.48
N ALA A 181 28.86 11.55 9.67
CA ALA A 181 29.49 12.63 8.91
C ALA A 181 29.38 13.99 9.59
N VAL A 182 28.57 14.07 10.63
CA VAL A 182 28.40 15.31 11.38
C VAL A 182 29.10 15.18 12.74
N GLY A 183 29.38 13.94 13.12
CA GLY A 183 30.17 13.68 14.32
C GLY A 183 29.38 13.68 15.60
N PHE A 184 28.19 13.09 15.55
CA PHE A 184 27.39 12.90 16.75
C PHE A 184 28.11 11.91 17.66
N ASP A 185 27.98 12.10 18.96
CA ASP A 185 28.45 11.09 19.91
C ASP A 185 27.41 9.98 20.02
N PHE A 186 27.86 8.75 19.89
CA PHE A 186 26.96 7.59 19.89
C PHE A 186 27.31 6.63 21.02
N PRO A 187 27.14 7.06 22.28
CA PRO A 187 27.53 6.19 23.40
C PRO A 187 26.56 5.03 23.59
N GLY A 188 27.04 3.95 24.21
CA GLY A 188 26.19 2.81 24.50
C GLY A 188 27.02 1.59 24.87
N THR A 189 26.51 0.41 24.55
CA THR A 189 27.22 -0.83 24.80
C THR A 189 27.40 -1.57 23.49
N ALA A 190 28.52 -2.25 23.34
CA ALA A 190 28.81 -2.99 22.12
C ALA A 190 28.06 -4.31 22.09
N ALA A 191 27.98 -4.91 20.91
CA ALA A 191 27.33 -6.20 20.74
C ALA A 191 28.07 -7.29 21.50
N THR A 192 27.32 -8.21 22.11
CA THR A 192 27.92 -9.28 22.90
C THR A 192 27.68 -10.63 22.25
N ARG A 193 26.79 -10.65 21.25
CA ARG A 193 26.43 -11.88 20.57
C ARG A 193 25.91 -11.65 19.17
N GLU A 194 25.71 -12.74 18.43
CA GLU A 194 25.06 -12.66 17.13
C GLU A 194 23.83 -13.57 17.15
N MET A 195 22.82 -13.18 16.38
CA MET A 195 21.58 -13.93 16.29
C MET A 195 21.07 -13.92 14.86
N PHE A 196 20.37 -14.98 14.47
CA PHE A 196 19.86 -15.08 13.11
C PHE A 196 18.34 -14.93 13.04
N LEU A 197 17.87 -14.41 11.91
CA LEU A 197 16.45 -14.43 11.59
C LEU A 197 16.31 -15.14 10.25
N ALA A 198 15.34 -16.04 10.15
CA ALA A 198 15.10 -16.77 8.93
C ALA A 198 13.62 -16.92 8.63
N ASP A 199 13.19 -16.34 7.52
CA ASP A 199 11.84 -16.55 7.02
C ASP A 199 11.88 -17.73 6.05
N LEU A 200 11.27 -18.83 6.44
CA LEU A 200 11.41 -20.07 5.71
C LEU A 200 10.08 -20.60 5.18
N ARG A 201 10.18 -21.36 4.11
CA ARG A 201 9.04 -22.05 3.56
C ARG A 201 9.35 -23.52 3.41
N GLY A 202 8.32 -24.34 3.41
CA GLY A 202 8.50 -25.76 3.20
C GLY A 202 9.07 -26.50 4.40
N VAL A 203 8.73 -26.02 5.59
CA VAL A 203 9.05 -26.74 6.82
C VAL A 203 7.88 -26.67 7.80
N GLU A 204 7.53 -27.81 8.39
CA GLU A 204 6.51 -27.82 9.42
C GLU A 204 7.18 -27.64 10.77
N LEU A 205 7.01 -26.47 11.37
CA LEU A 205 7.63 -26.18 12.64
C LEU A 205 6.63 -25.68 13.68
N GLU A 206 6.60 -26.36 14.82
CA GLU A 206 5.72 -25.99 15.92
C GLU A 206 6.31 -24.82 16.71
N PRO A 207 5.49 -23.80 16.98
CA PRO A 207 5.90 -22.71 17.86
C PRO A 207 6.10 -23.23 19.28
N ARG A 208 7.24 -22.90 19.89
CA ARG A 208 7.53 -23.35 21.24
C ARG A 208 6.59 -22.72 22.25
N MET A 209 6.56 -23.28 23.47
CA MET A 209 5.68 -22.78 24.52
C MET A 209 6.43 -22.65 25.84
N SER A 213 13.20 -23.67 27.35
CA SER A 213 14.47 -23.23 27.90
C SER A 213 15.56 -24.27 27.68
N LEU A 214 16.04 -24.35 26.44
CA LEU A 214 17.05 -25.33 26.07
C LEU A 214 18.44 -24.84 26.43
N PRO A 215 19.40 -25.77 26.57
CA PRO A 215 20.80 -25.39 26.60
C PRO A 215 21.29 -25.22 25.17
N GLY A 216 22.49 -24.70 24.99
CA GLY A 216 23.02 -24.48 23.65
C GLY A 216 22.42 -23.25 22.98
N GLY A 217 21.43 -22.65 23.63
CA GLY A 217 20.80 -21.45 23.11
C GLY A 217 19.30 -21.49 23.26
N MET A 218 18.63 -20.43 22.84
CA MET A 218 17.18 -20.39 22.82
C MET A 218 16.71 -20.18 21.39
N VAL A 219 15.41 -20.39 21.15
CA VAL A 219 14.87 -20.29 19.80
C VAL A 219 13.42 -19.86 19.81
N MET A 220 13.02 -19.10 18.78
CA MET A 220 11.63 -18.69 18.64
C MET A 220 11.07 -19.15 17.30
N VAL A 221 9.84 -19.65 17.32
CA VAL A 221 9.16 -20.06 16.10
C VAL A 221 7.77 -19.46 16.05
N GLY A 222 7.47 -18.79 14.95
CA GLY A 222 6.16 -18.19 14.75
C GLY A 222 5.72 -18.26 13.31
N PRO A 223 4.42 -18.51 13.09
CA PRO A 223 3.86 -18.58 11.74
C PRO A 223 3.70 -17.18 11.15
N LEU A 224 3.75 -17.11 9.83
CA LEU A 224 3.56 -15.86 9.12
C LEU A 224 2.62 -16.16 7.96
N PRO A 225 1.59 -15.31 7.76
CA PRO A 225 0.61 -15.47 6.68
C PRO A 225 1.24 -15.77 5.33
N GLY A 226 0.76 -16.83 4.69
CA GLY A 226 1.32 -17.28 3.43
C GLY A 226 2.05 -18.60 3.60
N GLY A 227 1.79 -19.28 4.71
CA GLY A 227 2.42 -20.55 5.01
C GLY A 227 3.92 -20.39 5.22
N VAL A 228 4.34 -19.18 5.55
CA VAL A 228 5.74 -18.87 5.77
C VAL A 228 6.07 -18.93 7.27
N THR A 229 7.15 -19.63 7.61
CA THR A 229 7.54 -19.75 9.01
C THR A 229 8.68 -18.80 9.33
N ARG A 230 8.62 -18.20 10.51
CA ARG A 230 9.65 -17.25 10.96
C ARG A 230 10.39 -17.83 12.16
N ILE A 231 11.71 -17.92 12.06
CA ILE A 231 12.52 -18.42 13.18
C ILE A 231 13.60 -17.44 13.61
N ILE A 232 13.82 -17.39 14.93
CA ILE A 232 14.89 -16.58 15.49
C ILE A 232 15.88 -17.50 16.18
N VAL A 233 17.13 -17.50 15.72
CA VAL A 233 18.16 -18.35 16.30
C VAL A 233 19.12 -17.57 17.19
N CYS A 234 19.10 -17.88 18.48
CA CYS A 234 19.97 -17.22 19.44
C CYS A 234 20.84 -18.24 20.17
N GLU A 235 21.86 -18.73 19.49
CA GLU A 235 22.76 -19.71 20.09
C GLU A 235 23.55 -19.11 21.24
N ARG A 236 23.73 -19.89 22.29
CA ARG A 236 24.51 -19.45 23.44
C ARG A 236 25.97 -19.30 23.06
N ASP A 237 26.60 -18.23 23.54
CA ASP A 237 28.02 -17.98 23.33
C ASP A 237 28.40 -17.86 21.86
N ALA A 238 27.49 -17.32 21.06
CA ALA A 238 27.82 -16.97 19.68
C ALA A 238 28.49 -15.60 19.70
N PRO A 239 29.61 -15.47 18.99
CA PRO A 239 30.34 -14.20 18.99
C PRO A 239 29.68 -13.18 18.06
N PRO A 240 29.64 -11.91 18.48
CA PRO A 240 29.06 -10.87 17.62
C PRO A 240 29.88 -10.70 16.35
N ARG A 241 29.21 -10.62 15.21
CA ARG A 241 29.90 -10.44 13.95
C ARG A 241 29.39 -9.23 13.18
N ARG A 242 30.33 -8.41 12.72
CA ARG A 242 30.01 -7.30 11.84
C ARG A 242 30.11 -7.78 10.41
N ARG A 243 28.98 -8.07 9.80
CA ARG A 243 28.96 -8.50 8.40
C ARG A 243 27.97 -7.66 7.60
N THR A 244 28.38 -7.25 6.41
CA THR A 244 27.57 -6.39 5.56
C THR A 244 26.50 -7.19 4.83
N GLY A 245 26.86 -8.40 4.43
CA GLY A 245 25.93 -9.26 3.70
C GLY A 245 25.09 -10.14 4.61
N PRO A 246 24.18 -10.92 4.02
CA PRO A 246 23.36 -11.89 4.75
C PRO A 246 24.18 -13.11 5.15
N PRO A 247 23.81 -13.77 6.25
CA PRO A 247 24.45 -15.04 6.61
C PRO A 247 23.99 -16.13 5.66
N PRO A 248 24.88 -17.06 5.30
CA PRO A 248 24.50 -18.20 4.46
C PRO A 248 23.56 -19.11 5.24
N PHE A 249 22.56 -19.67 4.57
CA PHE A 249 21.53 -20.44 5.25
C PHE A 249 22.08 -21.66 6.00
N HIS A 250 23.15 -22.24 5.48
CA HIS A 250 23.76 -23.40 6.11
C HIS A 250 24.34 -23.03 7.48
N GLU A 251 24.62 -21.74 7.67
CA GLU A 251 25.12 -21.28 8.96
C GLU A 251 23.97 -21.11 9.94
N VAL A 252 22.81 -20.70 9.44
CA VAL A 252 21.63 -20.53 10.27
C VAL A 252 21.01 -21.89 10.58
N ALA A 253 21.06 -22.80 9.61
CA ALA A 253 20.51 -24.13 9.77
C ALA A 253 21.33 -24.98 10.73
N ASP A 254 22.65 -24.81 10.71
CA ASP A 254 23.53 -25.58 11.57
C ASP A 254 23.51 -25.07 13.01
N ALA A 255 23.22 -23.79 13.18
CA ALA A 255 23.02 -23.24 14.52
C ALA A 255 21.71 -23.77 15.07
N TRP A 256 20.67 -23.71 14.23
CA TRP A 256 19.34 -24.17 14.60
C TRP A 256 19.33 -25.63 15.04
N LYS A 257 19.99 -26.48 14.25
CA LYS A 257 20.01 -27.91 14.53
C LYS A 257 20.81 -28.21 15.80
N ARG A 258 21.81 -27.39 16.06
CA ARG A 258 22.64 -27.52 17.25
C ARG A 258 21.81 -27.28 18.50
N ILE A 259 20.80 -26.43 18.37
CA ILE A 259 19.97 -26.03 19.50
C ILE A 259 18.76 -26.93 19.67
N THR A 260 18.02 -27.15 18.58
CA THR A 260 16.73 -27.83 18.63
C THR A 260 16.82 -29.33 18.39
N GLY A 261 17.77 -29.75 17.55
CA GLY A 261 17.87 -31.14 17.16
C GLY A 261 17.10 -31.43 15.90
N ILE A 262 16.46 -30.39 15.36
CA ILE A 262 15.66 -30.50 14.15
C ILE A 262 16.47 -30.00 12.94
N ASP A 263 16.43 -30.77 11.85
CA ASP A 263 17.13 -30.41 10.63
C ASP A 263 16.21 -29.63 9.70
N ILE A 264 16.62 -28.41 9.35
CA ILE A 264 15.85 -27.59 8.42
C ILE A 264 16.66 -27.22 7.18
N SER A 265 17.76 -27.94 6.95
CA SER A 265 18.67 -27.63 5.85
C SER A 265 18.05 -27.75 4.46
N ALA A 266 16.89 -28.40 4.37
CA ALA A 266 16.21 -28.59 3.10
C ALA A 266 15.08 -27.58 2.92
N ALA A 267 15.12 -26.51 3.70
CA ALA A 267 14.10 -25.46 3.62
C ALA A 267 14.41 -24.46 2.52
N GLU A 268 13.41 -23.72 2.08
CA GLU A 268 13.64 -22.62 1.16
C GLU A 268 13.55 -21.33 1.93
N PRO A 269 14.63 -20.55 1.95
CA PRO A 269 14.76 -19.31 2.70
C PRO A 269 14.19 -18.09 1.95
N VAL A 270 13.11 -17.53 2.47
CA VAL A 270 12.57 -16.28 1.94
C VAL A 270 13.56 -15.16 2.20
N TRP A 271 13.77 -14.86 3.48
CA TRP A 271 14.72 -13.82 3.87
C TRP A 271 15.62 -14.27 5.03
N LEU A 272 16.91 -13.98 4.90
CA LEU A 272 17.87 -14.29 5.95
C LEU A 272 18.58 -13.02 6.39
N SER A 273 18.82 -12.90 7.70
CA SER A 273 19.51 -11.74 8.25
C SER A 273 20.17 -12.06 9.59
N ALA A 274 21.08 -11.20 10.02
CA ALA A 274 21.80 -11.39 11.28
C ALA A 274 21.89 -10.09 12.06
N PHE A 275 21.63 -10.15 13.36
CA PHE A 275 21.63 -8.95 14.17
C PHE A 275 22.35 -9.12 15.50
N GLY A 276 22.72 -7.99 16.11
CA GLY A 276 23.39 -7.99 17.40
C GLY A 276 22.54 -7.29 18.44
N ASP A 277 23.03 -7.26 19.68
CA ASP A 277 22.28 -6.63 20.76
C ASP A 277 22.94 -5.34 21.23
N ALA A 278 23.65 -4.68 20.30
CA ALA A 278 24.26 -3.39 20.59
C ALA A 278 23.18 -2.34 20.79
N THR A 279 23.29 -1.55 21.86
CA THR A 279 22.35 -0.47 22.12
C THR A 279 23.07 0.85 22.32
N ARG A 280 22.87 1.77 21.39
CA ARG A 280 23.48 3.09 21.47
C ARG A 280 22.45 4.17 21.18
N GLN A 281 22.70 5.37 21.70
CA GLN A 281 21.82 6.51 21.46
C GLN A 281 22.66 7.78 21.37
N VAL A 282 22.34 8.62 20.39
CA VAL A 282 23.06 9.88 20.27
C VAL A 282 22.76 10.78 21.47
N THR A 283 23.76 11.54 21.89
CA THR A 283 23.62 12.41 23.06
C THR A 283 22.72 13.60 22.72
N GLU A 284 22.83 14.06 21.49
CA GLU A 284 22.01 15.18 21.04
C GLU A 284 21.30 14.83 19.73
N TYR A 285 19.98 15.00 19.72
CA TYR A 285 19.18 14.70 18.53
C TYR A 285 19.36 15.77 17.46
N ARG A 286 19.91 16.91 17.85
CA ARG A 286 20.13 18.01 16.93
C ARG A 286 21.54 18.57 17.03
N ARG A 287 22.17 18.76 15.88
CA ARG A 287 23.46 19.43 15.80
C ARG A 287 23.39 20.51 14.73
N GLY A 288 23.13 21.74 15.16
CA GLY A 288 22.98 22.84 14.23
C GLY A 288 21.74 22.66 13.38
N ARG A 289 21.93 22.42 12.09
CA ARG A 289 20.82 22.23 11.17
C ARG A 289 20.70 20.78 10.68
N VAL A 290 21.32 19.87 11.41
CA VAL A 290 21.18 18.45 11.15
C VAL A 290 20.45 17.78 12.30
N LEU A 291 19.38 17.06 11.98
CA LEU A 291 18.64 16.33 13.01
C LEU A 291 18.64 14.83 12.74
N LEU A 292 18.41 14.05 13.79
CA LEU A 292 18.34 12.60 13.67
C LEU A 292 17.00 12.06 14.16
N ALA A 293 16.52 11.01 13.49
CA ALA A 293 15.27 10.37 13.88
C ALA A 293 15.29 8.90 13.51
N GLY A 294 14.67 8.07 14.34
CA GLY A 294 14.62 6.65 14.10
C GLY A 294 15.86 5.92 14.59
N ASP A 295 16.23 4.86 13.89
CA ASP A 295 17.40 4.07 14.26
C ASP A 295 18.69 4.87 14.10
N ALA A 296 18.59 5.99 13.39
CA ALA A 296 19.73 6.90 13.24
C ALA A 296 20.07 7.54 14.58
N ALA A 297 19.06 7.74 15.42
CA ALA A 297 19.22 8.39 16.71
C ALA A 297 19.39 7.39 17.84
N HIS A 298 18.87 6.18 17.65
CA HIS A 298 18.91 5.17 18.70
C HIS A 298 18.81 3.78 18.13
N VAL A 299 19.81 2.94 18.39
CA VAL A 299 19.80 1.56 17.95
C VAL A 299 19.67 0.62 19.15
N HIS A 300 19.02 -0.52 18.93
CA HIS A 300 18.82 -1.49 20.01
C HIS A 300 18.50 -2.87 19.46
N LEU A 301 18.26 -3.81 20.38
CA LEU A 301 17.94 -5.19 20.03
C LEU A 301 16.55 -5.24 19.38
N PRO A 302 16.52 -5.52 18.07
CA PRO A 302 15.31 -5.47 17.23
C PRO A 302 14.15 -6.30 17.78
N ALA A 303 14.47 -7.30 18.61
CA ALA A 303 13.45 -8.10 19.26
C ALA A 303 12.94 -7.39 20.51
N GLY A 304 11.89 -6.60 20.34
CA GLY A 304 11.27 -5.88 21.43
C GLY A 304 9.92 -5.34 20.97
N GLY A 305 9.80 -5.15 19.66
CA GLY A 305 8.56 -4.68 19.06
C GLY A 305 8.35 -3.19 19.20
N GLN A 306 9.44 -2.42 19.26
CA GLN A 306 9.35 -1.01 19.56
C GLN A 306 9.95 -0.11 18.49
N GLY A 307 11.04 -0.55 17.88
CA GLY A 307 11.82 0.25 16.94
C GLY A 307 11.07 1.10 15.92
N MET A 308 10.29 0.46 15.06
CA MET A 308 9.53 1.18 14.03
C MET A 308 8.55 2.15 14.67
N ASN A 309 7.93 1.74 15.77
CA ASN A 309 6.98 2.58 16.48
C ASN A 309 7.66 3.82 17.06
N ALA A 310 8.89 3.65 17.52
CA ALA A 310 9.66 4.76 18.07
C ALA A 310 10.10 5.69 16.96
N GLY A 311 10.50 5.10 15.84
CA GLY A 311 10.94 5.88 14.69
C GLY A 311 9.81 6.72 14.09
N ILE A 312 8.65 6.10 13.94
CA ILE A 312 7.47 6.81 13.44
C ILE A 312 7.06 7.91 14.41
N GLN A 313 7.08 7.62 15.70
CA GLN A 313 6.67 8.59 16.72
C GLN A 313 7.66 9.75 16.86
N ASP A 314 8.93 9.50 16.55
CA ASP A 314 9.92 10.57 16.51
C ASP A 314 9.57 11.52 15.39
N ALA A 315 9.23 10.95 14.23
CA ALA A 315 8.90 11.72 13.04
C ALA A 315 7.68 12.62 13.25
N VAL A 316 6.75 12.17 14.08
CA VAL A 316 5.53 12.94 14.36
C VAL A 316 5.81 14.10 15.31
N ASN A 317 6.74 13.89 16.23
CA ASN A 317 7.14 14.92 17.16
C ASN A 317 7.86 16.06 16.46
N LEU A 318 8.76 15.71 15.54
CA LEU A 318 9.65 16.66 14.90
C LEU A 318 8.99 17.45 13.76
N GLY A 319 8.18 16.75 12.97
CA GLY A 319 7.60 17.29 11.76
C GLY A 319 6.96 18.66 11.87
N TRP A 320 5.98 18.79 12.75
CA TRP A 320 5.24 20.04 12.86
C TRP A 320 6.11 21.18 13.41
N LYS A 321 7.02 20.83 14.32
CA LYS A 321 7.94 21.80 14.89
C LYS A 321 8.91 22.33 13.85
N LEU A 322 9.48 21.42 13.07
CA LEU A 322 10.43 21.81 12.04
C LEU A 322 9.75 22.64 10.97
N ALA A 323 8.47 22.34 10.73
CA ALA A 323 7.67 23.08 9.77
C ALA A 323 7.47 24.52 10.24
N ALA A 324 7.15 24.67 11.53
CA ALA A 324 6.97 25.99 12.13
C ALA A 324 8.24 26.83 12.01
N VAL A 325 9.40 26.17 12.14
CA VAL A 325 10.69 26.84 12.02
C VAL A 325 10.93 27.29 10.58
N VAL A 326 10.67 26.41 9.62
CA VAL A 326 10.85 26.73 8.20
C VAL A 326 9.96 27.89 7.78
N ARG A 327 8.78 27.98 8.37
CA ARG A 327 7.83 29.04 8.03
C ARG A 327 8.05 30.30 8.86
N GLY A 328 9.09 30.30 9.68
CA GLY A 328 9.45 31.45 10.49
C GLY A 328 8.40 31.88 11.49
N THR A 329 7.54 30.95 11.90
CA THR A 329 6.50 31.25 12.87
C THR A 329 6.87 30.72 14.26
N ALA A 330 7.88 29.86 14.31
CA ALA A 330 8.24 29.17 15.55
C ALA A 330 8.95 30.07 16.54
N ARG A 331 8.68 29.85 17.83
CA ARG A 331 9.45 30.49 18.89
C ARG A 331 10.85 29.88 18.89
N ALA A 332 11.84 30.69 19.28
CA ALA A 332 13.25 30.30 19.13
C ALA A 332 13.67 29.05 19.91
N ASP A 333 12.80 28.54 20.77
CA ASP A 333 13.14 27.36 21.57
C ASP A 333 12.31 26.13 21.23
N LEU A 334 11.50 26.23 20.17
CA LEU A 334 10.59 25.15 19.81
C LEU A 334 11.32 23.92 19.27
N LEU A 335 12.32 24.14 18.43
CA LEU A 335 13.02 23.05 17.76
C LEU A 335 13.81 22.18 18.73
N ASP A 336 14.32 22.80 19.79
CA ASP A 336 15.09 22.08 20.79
C ASP A 336 14.21 21.18 21.65
N THR A 337 12.90 21.37 21.56
CA THR A 337 11.96 20.50 22.26
C THR A 337 11.90 19.13 21.60
N TYR A 338 12.46 19.02 20.40
CA TYR A 338 12.58 17.72 19.76
C TYR A 338 13.53 16.84 20.55
N HIS A 339 14.72 17.35 20.83
CA HIS A 339 15.67 16.64 21.67
C HIS A 339 15.13 16.54 23.09
N GLY A 340 14.60 17.64 23.59
CA GLY A 340 14.12 17.71 24.96
C GLY A 340 13.08 16.66 25.29
N GLU A 341 12.19 16.40 24.34
CA GLU A 341 11.10 15.47 24.57
C GLU A 341 11.43 14.04 24.13
N ARG A 342 12.08 13.91 22.97
CA ARG A 342 12.30 12.60 22.36
C ARG A 342 13.53 11.86 22.84
N HIS A 343 14.51 12.58 23.38
CA HIS A 343 15.68 11.91 23.95
C HIS A 343 15.36 11.06 25.20
N PRO A 344 14.60 11.62 26.17
CA PRO A 344 14.26 10.80 27.33
C PRO A 344 13.44 9.56 26.93
N VAL A 345 12.54 9.74 25.97
CA VAL A 345 11.74 8.64 25.45
C VAL A 345 12.64 7.57 24.86
N GLY A 346 13.70 8.00 24.18
CA GLY A 346 14.69 7.09 23.63
C GLY A 346 15.47 6.34 24.69
N VAL A 347 15.66 6.98 25.85
CA VAL A 347 16.32 6.35 26.99
C VAL A 347 15.44 5.24 27.55
N ARG A 348 14.16 5.55 27.73
CA ARG A 348 13.16 4.57 28.11
C ARG A 348 13.10 3.42 27.11
N LEU A 349 13.36 3.75 25.85
CA LEU A 349 13.33 2.76 24.77
C LEU A 349 14.46 1.74 24.92
N LEU A 350 15.65 2.22 25.28
CA LEU A 350 16.80 1.33 25.46
C LEU A 350 16.66 0.50 26.72
N MET A 351 16.10 1.09 27.77
CA MET A 351 15.83 0.36 29.00
C MET A 351 14.82 -0.75 28.75
N ASN A 352 13.71 -0.40 28.11
CA ASN A 352 12.66 -1.35 27.76
C ASN A 352 13.18 -2.55 26.98
N THR A 353 13.82 -2.30 25.85
CA THR A 353 14.30 -3.37 24.98
C THR A 353 15.38 -4.22 25.65
N ARG A 354 16.29 -3.60 26.37
CA ARG A 354 17.36 -4.33 27.05
C ARG A 354 16.83 -5.21 28.17
N ALA A 355 15.89 -4.68 28.95
CA ALA A 355 15.27 -5.44 30.02
C ALA A 355 14.55 -6.66 29.47
N GLN A 356 13.76 -6.45 28.42
CA GLN A 356 13.06 -7.53 27.77
C GLN A 356 14.02 -8.53 27.15
N GLY A 357 15.09 -8.01 26.55
CA GLY A 357 16.08 -8.84 25.91
C GLY A 357 16.73 -9.83 26.85
N LEU A 358 16.95 -9.41 28.09
CA LEU A 358 17.54 -10.27 29.11
C LEU A 358 16.61 -11.45 29.40
N LEU A 359 15.31 -11.18 29.39
CA LEU A 359 14.31 -12.20 29.67
C LEU A 359 14.12 -13.16 28.49
N PHE A 360 14.84 -12.92 27.41
CA PHE A 360 14.79 -13.78 26.23
C PHE A 360 16.04 -14.62 25.99
N LEU A 361 17.17 -13.92 25.92
CA LEU A 361 18.42 -14.50 25.40
C LEU A 361 19.11 -15.37 26.43
N ASN A 362 19.26 -14.87 27.66
CA ASN A 362 19.92 -15.63 28.71
C ASN A 362 19.17 -16.92 29.01
N GLY A 363 19.92 -18.01 29.21
CA GLY A 363 19.34 -19.32 29.35
C GLY A 363 19.05 -19.44 30.83
N ALA A 364 19.17 -20.65 31.35
CA ALA A 364 18.63 -21.06 32.63
C ALA A 364 19.22 -20.23 33.76
N GLU A 365 20.06 -19.26 33.39
CA GLU A 365 20.68 -18.38 34.37
C GLU A 365 19.84 -17.12 34.57
N MET A 366 18.74 -17.02 33.83
CA MET A 366 17.83 -15.89 33.95
C MET A 366 16.46 -16.38 34.39
N GLN A 367 16.27 -17.70 34.28
CA GLN A 367 15.00 -18.34 34.63
C GLN A 367 14.41 -17.97 36.00
N PRO A 368 15.24 -17.94 37.07
CA PRO A 368 14.66 -17.54 38.35
C PRO A 368 14.07 -16.14 38.33
N LEU A 369 14.63 -15.25 37.51
CA LEU A 369 14.13 -13.87 37.43
C LEU A 369 12.90 -13.79 36.56
N ARG A 370 12.85 -14.63 35.53
CA ARG A 370 11.66 -14.75 34.69
C ARG A 370 10.48 -15.20 35.54
N ASP A 371 10.73 -16.20 36.39
CA ASP A 371 9.69 -16.76 37.25
C ASP A 371 9.12 -15.74 38.22
N VAL A 372 10.00 -15.01 38.89
CA VAL A 372 9.60 -13.98 39.85
C VAL A 372 8.72 -12.92 39.20
N LEU A 373 9.17 -12.41 38.05
CA LEU A 373 8.42 -11.40 37.33
C LEU A 373 7.09 -11.93 36.82
N ALA A 374 7.05 -13.20 36.46
CA ALA A 374 5.83 -13.84 35.99
C ALA A 374 4.76 -13.87 37.09
N GLU A 375 5.21 -13.97 38.34
CA GLU A 375 4.30 -13.98 39.48
C GLU A 375 3.70 -12.60 39.71
N LEU A 376 4.44 -11.56 39.33
CA LEU A 376 3.99 -10.18 39.55
C LEU A 376 3.04 -9.69 38.45
N THR A 377 3.14 -10.26 37.26
CA THR A 377 2.36 -9.79 36.11
C THR A 377 0.86 -9.89 36.31
N GLY A 378 0.42 -10.77 37.19
CA GLY A 378 -0.99 -10.96 37.46
C GLY A 378 -1.62 -9.79 38.19
N TYR A 379 -0.80 -9.02 38.89
CA TYR A 379 -1.28 -7.83 39.60
C TYR A 379 -1.58 -6.71 38.60
N PRO A 380 -2.81 -6.19 38.62
CA PRO A 380 -3.24 -5.14 37.68
C PRO A 380 -2.35 -3.90 37.72
N ASP A 381 -1.79 -3.56 38.87
CA ASP A 381 -0.84 -2.45 38.97
C ASP A 381 0.37 -2.69 38.07
N VAL A 382 0.85 -3.92 38.06
CA VAL A 382 2.01 -4.29 37.24
C VAL A 382 1.65 -4.37 35.77
N ALA A 383 0.57 -5.08 35.47
CA ALA A 383 0.13 -5.29 34.10
C ALA A 383 -0.11 -3.95 33.40
N ARG A 384 -0.76 -3.03 34.09
CA ARG A 384 -1.02 -1.70 33.54
C ARG A 384 0.27 -0.94 33.30
N HIS A 385 1.23 -1.09 34.20
CA HIS A 385 2.51 -0.39 34.09
C HIS A 385 3.29 -0.87 32.87
N LEU A 386 3.43 -2.19 32.74
CA LEU A 386 4.14 -2.78 31.62
C LEU A 386 3.42 -2.52 30.30
N ALA A 387 2.09 -2.49 30.36
CA ALA A 387 1.28 -2.20 29.17
C ALA A 387 1.53 -0.78 28.69
N ALA A 388 1.76 0.13 29.62
CA ALA A 388 2.04 1.52 29.27
C ALA A 388 3.40 1.68 28.61
N MET A 389 4.39 0.96 29.14
CA MET A 389 5.74 0.98 28.58
C MET A 389 5.75 0.51 27.13
N VAL A 390 5.01 -0.56 26.86
CA VAL A 390 5.04 -1.21 25.56
C VAL A 390 4.11 -0.54 24.54
N SER A 391 2.94 -0.08 24.99
CA SER A 391 1.98 0.55 24.10
C SER A 391 2.43 1.95 23.68
N GLY A 392 3.13 2.63 24.59
CA GLY A 392 3.59 3.98 24.33
C GLY A 392 2.71 5.04 24.98
N LEU A 393 1.73 4.60 25.77
CA LEU A 393 0.79 5.51 26.40
C LEU A 393 1.37 6.16 27.65
N GLU A 394 2.55 5.70 28.07
CA GLU A 394 3.19 6.24 29.28
C GLU A 394 3.89 7.57 28.97
N ILE A 395 4.05 7.86 27.69
CA ILE A 395 4.81 9.02 27.24
C ILE A 395 4.19 10.35 27.70
N ALA A 396 4.92 11.07 28.54
CA ALA A 396 4.46 12.36 29.04
C ALA A 396 5.56 13.40 28.94
N TYR A 397 5.32 14.44 28.16
CA TYR A 397 6.28 15.52 27.97
C TYR A 397 6.14 16.57 29.06
N ASP A 398 7.25 17.13 29.48
CA ASP A 398 7.24 18.29 30.37
C ASP A 398 6.87 19.54 29.57
N VAL A 399 5.61 19.94 29.66
CA VAL A 399 5.12 21.10 28.90
C VAL A 399 4.79 22.26 29.83
N GLY A 400 4.93 22.03 31.13
CA GLY A 400 4.64 23.05 32.12
C GLY A 400 3.97 22.47 33.34
N GLY A 401 3.73 23.32 34.33
CA GLY A 401 3.13 22.89 35.58
C GLY A 401 1.62 22.86 35.55
N GLY A 402 1.04 21.92 36.28
CA GLY A 402 -0.41 21.78 36.36
C GLY A 402 -0.87 20.44 36.88
N SER A 403 -2.07 20.41 37.43
CA SER A 403 -2.61 19.19 38.01
C SER A 403 -3.54 18.44 37.05
N HIS A 404 -3.75 19.00 35.86
CA HIS A 404 -4.62 18.37 34.88
C HIS A 404 -4.00 17.10 34.32
N PRO A 405 -4.74 15.98 34.39
CA PRO A 405 -4.30 14.62 34.06
C PRO A 405 -3.75 14.46 32.65
N TRP A 406 -4.19 15.29 31.71
CA TRP A 406 -3.81 15.12 30.31
C TRP A 406 -2.57 15.92 29.94
N LEU A 407 -2.17 16.83 30.83
CA LEU A 407 -1.10 17.79 30.57
C LEU A 407 0.21 17.14 30.14
N GLY A 408 0.64 17.46 28.92
CA GLY A 408 1.88 16.92 28.38
C GLY A 408 1.74 15.53 27.81
N ARG A 409 0.55 14.95 28.01
CA ARG A 409 0.30 13.60 27.55
C ARG A 409 -0.54 13.59 26.28
N ARG A 410 -0.58 12.44 25.63
CA ARG A 410 -1.39 12.25 24.44
C ARG A 410 -2.87 12.49 24.74
N LEU A 411 -3.56 13.15 23.81
CA LEU A 411 -4.99 13.32 23.92
C LEU A 411 -5.66 12.08 23.35
N PRO A 412 -6.40 11.36 24.20
CA PRO A 412 -7.12 10.17 23.72
C PRO A 412 -8.22 10.58 22.75
N ARG A 413 -8.58 9.69 21.83
CA ARG A 413 -9.58 10.03 20.82
C ARG A 413 -10.95 10.26 21.47
N LEU A 414 -11.51 11.44 21.23
CA LEU A 414 -12.80 11.81 21.80
C LEU A 414 -13.84 11.99 20.69
N GLU A 415 -14.94 11.25 20.79
CA GLU A 415 -16.05 11.45 19.87
C GLU A 415 -16.74 12.76 20.21
N LEU A 416 -16.99 13.59 19.20
CA LEU A 416 -17.49 14.93 19.43
C LEU A 416 -18.79 15.23 18.71
N ASP A 417 -19.58 16.12 19.29
CA ASP A 417 -20.74 16.69 18.63
C ASP A 417 -20.38 18.07 18.06
N ARG A 418 -19.93 18.09 16.81
CA ARG A 418 -19.51 19.31 16.14
C ARG A 418 -20.72 20.07 15.60
N GLY A 419 -21.27 20.98 16.41
CA GLY A 419 -22.47 21.70 16.03
C GLY A 419 -23.67 20.77 15.98
N GLY A 420 -23.78 20.02 14.89
CA GLY A 420 -24.81 19.01 14.75
C GLY A 420 -24.26 17.81 14.00
N ARG A 421 -22.95 17.81 13.82
CA ARG A 421 -22.27 16.75 13.08
C ARG A 421 -21.37 15.94 14.00
N PRO A 422 -21.39 14.60 13.83
CA PRO A 422 -20.47 13.73 14.55
C PRO A 422 -19.03 13.97 14.10
N SER A 423 -18.09 13.94 15.04
CA SER A 423 -16.70 14.17 14.74
C SER A 423 -15.81 13.48 15.76
N SER A 424 -14.51 13.69 15.63
CA SER A 424 -13.55 13.15 16.60
C SER A 424 -12.30 14.01 16.64
N THR A 425 -11.60 14.01 17.77
CA THR A 425 -10.34 14.74 17.90
C THR A 425 -9.31 14.19 16.92
N ALA A 426 -9.42 12.91 16.61
CA ALA A 426 -8.55 12.28 15.62
C ALA A 426 -8.81 12.89 14.25
N GLU A 427 -10.08 13.06 13.93
CA GLU A 427 -10.49 13.65 12.64
C GLU A 427 -10.08 15.12 12.54
N LEU A 428 -10.17 15.83 13.66
CA LEU A 428 -9.82 17.25 13.67
C LEU A 428 -8.31 17.48 13.55
N LEU A 429 -7.53 16.49 13.96
CA LEU A 429 -6.07 16.60 13.91
C LEU A 429 -5.49 16.12 12.59
N ARG A 430 -6.36 15.77 11.64
CA ARG A 430 -5.89 15.33 10.33
C ARG A 430 -5.11 16.37 9.53
N PRO A 431 -5.56 17.65 9.52
CA PRO A 431 -4.74 18.66 8.84
C PRO A 431 -3.39 18.92 9.50
N ALA A 432 -3.15 18.31 10.66
CA ALA A 432 -1.90 18.47 11.40
C ALA A 432 -1.65 19.92 11.82
N ARG A 433 -2.72 20.61 12.21
CA ARG A 433 -2.62 21.94 12.78
C ARG A 433 -3.05 21.86 14.22
N GLY A 434 -2.59 22.80 15.04
CA GLY A 434 -2.97 22.86 16.44
C GLY A 434 -4.46 23.05 16.61
N LEU A 435 -4.97 22.69 17.79
CA LEU A 435 -6.40 22.82 18.06
C LEU A 435 -6.66 23.45 19.40
N LEU A 436 -7.66 24.32 19.45
CA LEU A 436 -8.20 24.78 20.71
C LEU A 436 -9.64 24.32 20.82
N LEU A 437 -9.87 23.31 21.64
CA LEU A 437 -11.19 22.71 21.77
C LEU A 437 -12.02 23.41 22.83
N ASP A 438 -13.12 24.02 22.41
CA ASP A 438 -14.02 24.69 23.33
C ASP A 438 -15.23 23.82 23.62
N PHE A 439 -15.26 23.25 24.82
CA PHE A 439 -16.33 22.32 25.20
C PHE A 439 -17.59 23.03 25.68
N ALA A 440 -17.41 24.18 26.33
CA ALA A 440 -18.53 24.85 26.99
C ALA A 440 -19.07 26.05 26.20
N GLY A 441 -18.66 26.19 24.95
CA GLY A 441 -19.12 27.28 24.10
C GLY A 441 -18.75 28.65 24.66
N ASN A 442 -17.50 28.79 25.08
CA ASN A 442 -17.03 30.04 25.67
C ASN A 442 -16.28 30.90 24.66
N ALA A 443 -16.88 32.04 24.30
CA ALA A 443 -16.29 32.93 23.31
C ALA A 443 -15.28 33.89 23.92
N ALA A 444 -15.22 33.93 25.25
CA ALA A 444 -14.23 34.75 25.94
C ALA A 444 -12.82 34.20 25.70
N LEU A 445 -12.68 32.88 25.86
CA LEU A 445 -11.38 32.23 25.62
C LEU A 445 -11.16 32.05 24.13
N ARG A 446 -12.21 32.24 23.34
CA ARG A 446 -12.12 32.14 21.89
C ARG A 446 -11.52 33.42 21.31
N ASP A 447 -11.43 34.45 22.15
CA ASP A 447 -10.81 35.70 21.75
C ASP A 447 -9.40 35.82 22.29
N ARG A 448 -9.07 35.01 23.29
CA ARG A 448 -7.72 34.99 23.84
C ARG A 448 -6.79 34.30 22.86
N ALA A 449 -7.37 33.50 21.98
CA ALA A 449 -6.61 32.75 20.98
C ALA A 449 -6.66 33.43 19.63
N ALA A 450 -7.26 34.61 19.59
CA ALA A 450 -7.39 35.38 18.36
C ALA A 450 -6.06 35.69 17.63
N PRO A 451 -5.01 36.11 18.36
CA PRO A 451 -3.75 36.39 17.66
C PRO A 451 -3.20 35.19 16.87
N TRP A 452 -3.40 33.98 17.38
CA TRP A 452 -2.86 32.79 16.73
C TRP A 452 -3.84 32.18 15.72
N ALA A 453 -4.75 33.01 15.22
CA ALA A 453 -5.67 32.58 14.17
C ALA A 453 -4.90 32.47 12.86
N GLY A 454 -5.18 31.41 12.11
CA GLY A 454 -4.42 31.12 10.91
C GLY A 454 -3.28 30.17 11.22
N ARG A 455 -3.04 29.97 12.52
CA ARG A 455 -2.02 29.03 12.98
C ARG A 455 -2.67 27.82 13.65
N ILE A 456 -3.77 28.06 14.36
CA ILE A 456 -4.55 26.98 14.94
C ILE A 456 -6.00 27.03 14.49
N ASP A 457 -6.76 26.02 14.86
CA ASP A 457 -8.19 26.00 14.61
C ASP A 457 -8.93 25.98 15.95
N VAL A 458 -9.71 27.01 16.21
CA VAL A 458 -10.55 27.01 17.41
C VAL A 458 -11.85 26.28 17.09
N VAL A 459 -12.09 25.18 17.80
CA VAL A 459 -13.25 24.35 17.53
C VAL A 459 -14.18 24.25 18.73
N THR A 460 -15.40 24.73 18.55
CA THR A 460 -16.43 24.60 19.59
C THR A 460 -17.21 23.32 19.35
N ALA A 461 -16.99 22.34 20.24
CA ALA A 461 -17.64 21.04 20.12
C ALA A 461 -17.87 20.47 21.50
N ARG A 462 -18.65 19.39 21.58
CA ARG A 462 -19.08 18.77 22.81
C ARG A 462 -18.69 17.32 22.81
N PRO A 463 -17.89 16.88 23.77
CA PRO A 463 -17.48 15.48 23.85
C PRO A 463 -18.50 14.65 24.62
N ALA A 464 -18.24 13.34 24.74
CA ALA A 464 -19.13 12.43 25.44
C ALA A 464 -19.35 12.86 26.89
N GLY A 466 -19.18 11.78 31.00
CA GLY A 466 -18.25 12.05 29.92
C GLY A 466 -16.96 11.27 30.05
N ARG A 467 -16.13 11.34 29.01
CA ARG A 467 -14.82 10.69 29.03
C ARG A 467 -13.79 11.65 29.62
N VAL A 468 -14.08 12.95 29.51
CA VAL A 468 -13.19 13.99 30.02
C VAL A 468 -13.08 13.95 31.54
N PRO A 469 -11.83 14.05 32.04
CA PRO A 469 -11.56 14.00 33.48
C PRO A 469 -11.99 15.28 34.17
N GLY A 470 -12.86 15.16 35.17
CA GLY A 470 -13.32 16.30 35.95
C GLY A 470 -14.04 17.33 35.11
N ALA A 471 -13.84 18.59 35.45
CA ALA A 471 -14.55 19.68 34.77
C ALA A 471 -13.57 20.28 33.77
N THR A 472 -13.28 19.54 32.71
CA THR A 472 -12.43 20.05 31.64
C THR A 472 -13.36 20.89 30.77
N THR A 473 -12.93 22.12 30.47
CA THR A 473 -13.77 23.07 29.75
C THR A 473 -13.16 23.43 28.40
N ALA A 474 -11.84 23.32 28.31
CA ALA A 474 -11.12 23.61 27.07
C ALA A 474 -9.76 22.93 27.06
N VAL A 475 -9.27 22.63 25.87
CA VAL A 475 -8.01 21.91 25.72
C VAL A 475 -7.25 22.39 24.49
N LEU A 476 -5.97 22.70 24.67
CA LEU A 476 -5.13 23.09 23.55
C LEU A 476 -4.31 21.88 23.11
N VAL A 477 -4.46 21.49 21.86
CA VAL A 477 -3.80 20.30 21.34
C VAL A 477 -2.74 20.65 20.29
N ARG A 478 -1.53 20.17 20.52
CA ARG A 478 -0.45 20.32 19.55
C ARG A 478 -0.77 19.45 18.34
N PRO A 479 -0.15 19.74 17.18
CA PRO A 479 -0.37 18.93 15.99
C PRO A 479 -0.01 17.45 16.17
N ASP A 480 0.82 17.14 17.17
CA ASP A 480 1.25 15.77 17.40
C ASP A 480 0.32 15.00 18.34
N GLY A 481 -0.70 15.68 18.85
CA GLY A 481 -1.73 15.03 19.65
C GLY A 481 -1.58 15.24 21.15
N HIS A 482 -0.44 15.77 21.56
CA HIS A 482 -0.19 15.99 22.98
C HIS A 482 -0.84 17.27 23.50
N VAL A 483 -1.44 17.18 24.69
CA VAL A 483 -2.09 18.33 25.31
C VAL A 483 -1.05 19.28 25.87
N ALA A 484 -1.11 20.53 25.42
CA ALA A 484 -0.13 21.53 25.82
C ALA A 484 -0.67 22.42 26.94
N TRP A 485 -1.99 22.44 27.05
CA TRP A 485 -2.67 23.28 28.03
C TRP A 485 -4.10 22.79 28.19
N ALA A 486 -4.67 22.96 29.36
CA ALA A 486 -6.04 22.54 29.61
C ALA A 486 -6.66 23.30 30.77
N ALA A 487 -7.94 23.65 30.63
CA ALA A 487 -8.68 24.33 31.67
C ALA A 487 -9.66 23.36 32.32
N PRO A 488 -9.60 23.22 33.65
CA PRO A 488 -8.62 23.88 34.53
C PRO A 488 -7.45 22.96 34.84
N GLY A 489 -6.47 23.46 35.59
CA GLY A 489 -5.36 22.64 36.03
C GLY A 489 -4.08 22.85 35.24
N THR A 490 -3.83 24.09 34.84
CA THR A 490 -2.57 24.44 34.19
C THR A 490 -2.11 25.79 34.71
N HIS A 491 -0.89 25.83 35.24
CA HIS A 491 -0.34 27.04 35.83
C HIS A 491 -0.28 28.18 34.82
N ALA A 492 0.24 27.88 33.64
CA ALA A 492 0.39 28.88 32.59
C ALA A 492 -0.98 29.30 32.05
N ASP A 493 -1.01 30.46 31.41
CA ASP A 493 -2.22 30.93 30.74
C ASP A 493 -2.28 30.37 29.34
N LEU A 494 -3.45 30.42 28.73
CA LEU A 494 -3.62 30.03 27.34
C LEU A 494 -2.76 30.84 26.35
N PRO A 495 -2.71 32.18 26.50
CA PRO A 495 -1.82 32.93 25.61
C PRO A 495 -0.34 32.57 25.78
N MET A 496 0.05 32.21 27.00
CA MET A 496 1.42 31.78 27.26
C MET A 496 1.69 30.46 26.57
N ALA A 497 0.76 29.52 26.71
CA ALA A 497 0.88 28.22 26.06
C ALA A 497 0.85 28.34 24.54
N LEU A 498 0.03 29.26 24.05
CA LEU A 498 -0.08 29.49 22.61
C LEU A 498 1.20 30.08 22.04
N GLU A 499 1.82 31.00 22.78
CA GLU A 499 3.10 31.56 22.35
C GLU A 499 4.19 30.50 22.38
N ARG A 500 4.14 29.66 23.40
CA ARG A 500 5.17 28.63 23.59
C ARG A 500 5.20 27.59 22.46
N TRP A 501 4.03 27.23 21.95
CA TRP A 501 3.95 26.14 20.99
C TRP A 501 3.59 26.57 19.57
N PHE A 502 2.98 27.73 19.43
CA PHE A 502 2.53 28.18 18.11
C PHE A 502 3.13 29.50 17.69
N GLY A 503 4.11 29.96 18.45
CA GLY A 503 4.93 31.08 18.04
C GLY A 503 4.56 32.42 18.64
N PRO A 504 5.45 33.41 18.49
CA PRO A 504 5.19 34.77 18.94
C PRO A 504 4.07 35.41 18.15
N ALA A 505 3.31 36.29 18.80
CA ALA A 505 2.25 37.04 18.14
C ALA A 505 2.09 38.38 18.86
N PRO A 506 2.40 39.48 18.16
CA PRO A 506 2.32 40.84 18.70
C PRO A 506 1.00 41.12 19.42
N ARG A 507 1.09 41.50 20.68
CA ARG A 507 -0.09 41.74 21.51
C ARG A 507 0.26 42.61 22.70
N MET B 21 -0.98 -33.08 -4.38
CA MET B 21 -1.48 -31.73 -4.64
C MET B 21 -0.85 -30.70 -3.71
N ASP B 22 -0.19 -29.71 -4.30
CA ASP B 22 0.41 -28.63 -3.52
C ASP B 22 -0.61 -27.52 -3.28
N ALA B 23 -1.55 -27.39 -4.21
CA ALA B 23 -2.62 -26.41 -4.13
C ALA B 23 -3.65 -26.74 -5.20
N PRO B 24 -4.90 -26.30 -5.01
CA PRO B 24 -5.94 -26.44 -6.03
C PRO B 24 -5.59 -25.63 -7.28
N VAL B 25 -5.09 -24.41 -7.08
CA VAL B 25 -4.78 -23.52 -8.19
C VAL B 25 -3.39 -22.92 -8.04
N VAL B 26 -2.59 -22.96 -9.11
CA VAL B 26 -1.32 -22.26 -9.13
C VAL B 26 -1.34 -21.14 -10.17
N ILE B 27 -0.94 -19.96 -9.74
CA ILE B 27 -0.85 -18.80 -10.63
C ILE B 27 0.61 -18.46 -10.89
N ALA B 28 0.99 -18.40 -12.16
CA ALA B 28 2.31 -17.92 -12.52
C ALA B 28 2.25 -16.41 -12.74
N GLY B 29 2.96 -15.66 -11.90
CA GLY B 29 3.02 -14.22 -12.06
C GLY B 29 2.29 -13.45 -10.97
N ALA B 30 2.94 -12.44 -10.42
CA ALA B 30 2.35 -11.63 -9.37
C ALA B 30 2.24 -10.16 -9.77
N GLY B 31 1.86 -9.93 -11.02
CA GLY B 31 1.51 -8.59 -11.47
C GLY B 31 0.10 -8.28 -11.01
N PRO B 32 -0.50 -7.21 -11.55
CA PRO B 32 -1.87 -6.83 -11.17
C PRO B 32 -2.88 -7.96 -11.39
N ALA B 33 -2.70 -8.71 -12.46
CA ALA B 33 -3.63 -9.77 -12.82
C ALA B 33 -3.56 -10.94 -11.84
N GLY B 34 -2.35 -11.48 -11.66
CA GLY B 34 -2.15 -12.62 -10.79
C GLY B 34 -2.52 -12.33 -9.35
N LEU B 35 -2.20 -11.13 -8.89
CA LEU B 35 -2.49 -10.72 -7.53
C LEU B 35 -3.98 -10.55 -7.30
N MET B 36 -4.69 -10.00 -8.28
CA MET B 36 -6.12 -9.82 -8.16
C MET B 36 -6.82 -11.16 -8.16
N LEU B 37 -6.35 -12.06 -9.03
CA LEU B 37 -6.90 -13.40 -9.13
C LEU B 37 -6.72 -14.17 -7.83
N ALA B 38 -5.53 -14.05 -7.24
CA ALA B 38 -5.24 -14.70 -5.97
C ALA B 38 -6.16 -14.19 -4.87
N GLY B 39 -6.42 -12.89 -4.87
CA GLY B 39 -7.34 -12.31 -3.91
C GLY B 39 -8.76 -12.82 -4.12
N GLU B 40 -9.18 -12.90 -5.38
CA GLU B 40 -10.51 -13.39 -5.73
C GLU B 40 -10.72 -14.84 -5.33
N LEU B 41 -9.68 -15.66 -5.49
CA LEU B 41 -9.73 -17.06 -5.12
C LEU B 41 -9.77 -17.22 -3.60
N ARG B 42 -8.90 -16.50 -2.90
CA ARG B 42 -8.81 -16.57 -1.44
C ARG B 42 -10.11 -16.14 -0.77
N LEU B 43 -10.81 -15.18 -1.37
CA LEU B 43 -12.11 -14.76 -0.86
C LEU B 43 -13.08 -15.95 -0.85
N ALA B 44 -12.90 -16.85 -1.81
CA ALA B 44 -13.78 -17.99 -1.98
C ALA B 44 -13.26 -19.22 -1.25
N GLY B 45 -12.24 -19.03 -0.42
CA GLY B 45 -11.72 -20.11 0.41
C GLY B 45 -10.89 -21.12 -0.34
N ILE B 46 -10.41 -20.73 -1.53
CA ILE B 46 -9.60 -21.62 -2.35
C ILE B 46 -8.13 -21.48 -1.97
N GLY B 47 -7.39 -22.58 -2.02
CA GLY B 47 -5.97 -22.55 -1.76
C GLY B 47 -5.21 -22.25 -3.04
N VAL B 48 -4.36 -21.23 -3.01
CA VAL B 48 -3.67 -20.78 -4.22
C VAL B 48 -2.19 -20.49 -3.98
N VAL B 49 -1.35 -21.02 -4.87
CA VAL B 49 0.07 -20.73 -4.85
C VAL B 49 0.44 -19.80 -6.01
N VAL B 50 1.09 -18.68 -5.68
CA VAL B 50 1.53 -17.74 -6.70
C VAL B 50 3.04 -17.79 -6.88
N LEU B 51 3.47 -18.08 -8.11
CA LEU B 51 4.89 -18.14 -8.44
C LEU B 51 5.34 -16.84 -9.10
N GLU B 52 6.25 -16.12 -8.45
CA GLU B 52 6.77 -14.88 -8.99
C GLU B 52 8.28 -14.95 -9.16
N ARG B 53 8.76 -14.65 -10.36
CA ARG B 53 10.18 -14.75 -10.66
C ARG B 53 11.00 -13.67 -9.94
N LEU B 54 10.44 -12.47 -9.83
CA LEU B 54 11.13 -11.37 -9.17
C LEU B 54 11.03 -11.47 -7.66
N PRO B 55 12.15 -11.23 -6.96
CA PRO B 55 12.20 -11.29 -5.49
C PRO B 55 11.43 -10.15 -4.85
N ALA B 56 11.15 -9.10 -5.62
CA ALA B 56 10.38 -7.96 -5.13
C ALA B 56 9.67 -7.26 -6.27
N ARG B 57 8.76 -6.34 -5.93
CA ARG B 57 8.09 -5.54 -6.94
C ARG B 57 9.06 -4.54 -7.53
N THR B 58 8.98 -4.35 -8.85
CA THR B 58 9.89 -3.44 -9.56
C THR B 58 9.72 -2.00 -9.10
N GLY B 59 8.48 -1.62 -8.83
CA GLY B 59 8.20 -0.26 -8.39
C GLY B 59 8.07 0.71 -9.55
N GLU B 60 7.82 0.17 -10.74
CA GLU B 60 7.63 0.99 -11.92
C GLU B 60 6.34 1.80 -11.83
N SER B 61 6.44 3.10 -12.07
CA SER B 61 5.27 3.96 -12.10
C SER B 61 4.30 3.45 -13.17
N ARG B 62 4.81 3.26 -14.38
CA ARG B 62 4.01 2.93 -15.54
C ARG B 62 2.84 3.90 -15.70
N GLY B 63 1.64 3.38 -15.86
CA GLY B 63 0.46 4.20 -16.03
C GLY B 63 0.02 4.88 -14.75
N LEU B 64 -0.70 5.97 -14.90
CA LEU B 64 -1.27 6.68 -13.76
C LEU B 64 -2.78 6.49 -13.73
N GLY B 65 -3.27 5.99 -12.60
CA GLY B 65 -4.69 5.82 -12.41
C GLY B 65 -5.26 4.59 -13.09
N PHE B 66 -6.58 4.50 -13.07
CA PHE B 66 -7.28 3.38 -13.68
C PHE B 66 -8.71 3.78 -14.02
N THR B 67 -9.32 3.05 -14.94
CA THR B 67 -10.64 3.41 -15.46
C THR B 67 -11.74 3.38 -14.41
N ALA B 68 -12.92 3.85 -14.81
CA ALA B 68 -14.07 3.89 -13.92
C ALA B 68 -14.50 2.47 -13.52
N ARG B 69 -14.37 1.53 -14.44
CA ARG B 69 -14.77 0.16 -14.17
C ARG B 69 -13.83 -0.50 -13.16
N THR B 70 -12.53 -0.26 -13.33
CA THR B 70 -11.54 -0.80 -12.39
C THR B 70 -11.77 -0.21 -11.01
N MET B 71 -12.14 1.06 -10.95
CA MET B 71 -12.43 1.68 -9.67
C MET B 71 -13.64 1.02 -9.02
N GLU B 72 -14.58 0.61 -9.86
CA GLU B 72 -15.82 -0.02 -9.38
C GLU B 72 -15.59 -1.42 -8.84
N VAL B 73 -14.68 -2.17 -9.46
CA VAL B 73 -14.40 -3.52 -8.98
C VAL B 73 -13.53 -3.52 -7.72
N PHE B 74 -12.71 -2.48 -7.56
CA PHE B 74 -11.95 -2.30 -6.33
C PHE B 74 -12.93 -2.01 -5.20
N ASP B 75 -13.93 -1.19 -5.49
CA ASP B 75 -14.93 -0.83 -4.51
C ASP B 75 -15.76 -2.05 -4.11
N GLN B 76 -15.92 -2.98 -5.04
CA GLN B 76 -16.67 -4.21 -4.79
C GLN B 76 -15.96 -5.16 -3.85
N ARG B 77 -14.67 -4.89 -3.60
CA ARG B 77 -13.89 -5.73 -2.70
C ARG B 77 -13.35 -4.90 -1.55
N GLY B 78 -13.89 -3.69 -1.38
CA GLY B 78 -13.48 -2.79 -0.32
C GLY B 78 -12.04 -2.35 -0.40
N LEU B 79 -11.51 -2.25 -1.61
CA LEU B 79 -10.10 -1.91 -1.81
C LEU B 79 -9.87 -0.44 -2.08
N LEU B 80 -10.94 0.31 -2.34
CA LEU B 80 -10.82 1.73 -2.65
C LEU B 80 -10.29 2.54 -1.45
N ARG B 81 -10.73 2.17 -0.26
CA ARG B 81 -10.31 2.87 0.96
C ARG B 81 -8.81 2.73 1.19
N ARG B 82 -8.16 1.83 0.45
CA ARG B 82 -6.74 1.55 0.64
C ARG B 82 -5.84 2.47 -0.17
N PHE B 83 -6.42 3.24 -1.08
CA PHE B 83 -5.65 4.18 -1.89
C PHE B 83 -5.70 5.58 -1.30
N GLY B 84 -6.52 5.77 -0.28
CA GLY B 84 -6.76 7.08 0.29
C GLY B 84 -7.86 7.76 -0.49
N GLU B 85 -7.72 9.08 -0.67
CA GLU B 85 -8.66 9.82 -1.50
C GLU B 85 -8.20 9.79 -2.96
N VAL B 86 -9.07 9.30 -3.83
CA VAL B 86 -8.77 9.29 -5.26
C VAL B 86 -9.42 10.51 -5.90
N GLN B 87 -8.78 11.04 -6.94
CA GLN B 87 -9.34 12.18 -7.65
C GLN B 87 -9.88 11.77 -9.01
N THR B 88 -11.19 11.90 -9.18
CA THR B 88 -11.83 11.64 -10.46
C THR B 88 -11.38 12.67 -11.48
N SER B 89 -11.61 12.36 -12.76
CA SER B 89 -11.25 13.26 -13.84
C SER B 89 -12.07 12.94 -15.08
N ASP B 90 -12.96 13.86 -15.44
CA ASP B 90 -13.75 13.70 -16.66
C ASP B 90 -12.99 14.25 -17.86
N GLN B 91 -11.68 14.41 -17.69
CA GLN B 91 -10.82 14.94 -18.72
C GLN B 91 -10.18 13.82 -19.53
N GLY B 92 -11.02 13.01 -20.18
CA GLY B 92 -10.52 11.92 -20.97
C GLY B 92 -10.15 12.34 -22.38
N HIS B 93 -9.55 11.42 -23.13
CA HIS B 93 -9.24 11.67 -24.54
C HIS B 93 -8.99 10.38 -25.31
N PHE B 94 -9.04 10.49 -26.64
CA PHE B 94 -8.98 9.33 -27.52
C PHE B 94 -7.95 9.55 -28.62
N GLY B 95 -6.81 8.86 -28.49
CA GLY B 95 -5.74 8.96 -29.47
C GLY B 95 -5.20 10.36 -29.62
N GLY B 96 -5.22 11.12 -28.52
CA GLY B 96 -4.73 12.49 -28.52
C GLY B 96 -5.82 13.51 -28.67
N ILE B 97 -7.00 13.07 -29.12
CA ILE B 97 -8.14 13.97 -29.29
C ILE B 97 -8.95 14.05 -28.00
N PRO B 98 -9.01 15.25 -27.40
CA PRO B 98 -9.74 15.48 -26.15
C PRO B 98 -11.23 15.20 -26.27
N VAL B 99 -11.77 14.48 -25.28
CA VAL B 99 -13.19 14.13 -25.24
C VAL B 99 -13.74 14.34 -23.83
N ASP B 100 -14.98 14.78 -23.72
CA ASP B 100 -15.62 14.94 -22.41
C ASP B 100 -16.27 13.63 -21.95
N PHE B 101 -15.85 13.16 -20.77
CA PHE B 101 -16.38 11.90 -20.23
C PHE B 101 -17.54 12.11 -19.26
N GLY B 102 -17.86 13.38 -18.99
CA GLY B 102 -18.93 13.70 -18.08
C GLY B 102 -20.30 13.46 -18.69
N LEU B 103 -20.34 13.39 -20.02
CA LEU B 103 -21.59 13.21 -20.74
C LEU B 103 -22.17 11.81 -20.53
N LEU B 104 -21.29 10.85 -20.22
CA LEU B 104 -21.74 9.52 -19.80
C LEU B 104 -21.56 9.40 -18.30
N ASP B 105 -22.61 8.98 -17.61
CA ASP B 105 -22.62 8.97 -16.15
C ASP B 105 -21.68 7.94 -15.54
N GLY B 106 -20.73 8.43 -14.75
CA GLY B 106 -19.82 7.56 -14.01
C GLY B 106 -18.63 7.05 -14.80
N ALA B 107 -18.48 7.55 -16.03
CA ALA B 107 -17.41 7.10 -16.92
C ALA B 107 -16.11 7.85 -16.65
N HIS B 108 -16.10 8.69 -15.62
CA HIS B 108 -14.96 9.52 -15.28
C HIS B 108 -13.69 8.71 -14.98
N GLN B 109 -12.65 8.97 -15.74
CA GLN B 109 -11.33 8.41 -15.45
C GLN B 109 -10.94 8.82 -14.03
N ALA B 110 -10.36 7.91 -13.28
CA ALA B 110 -10.11 8.17 -11.88
C ALA B 110 -8.69 7.84 -11.44
N ALA B 111 -8.35 8.30 -10.24
CA ALA B 111 -7.06 8.01 -9.61
C ALA B 111 -5.88 8.50 -10.44
N LYS B 112 -6.10 9.51 -11.27
CA LYS B 112 -5.11 10.01 -12.24
C LYS B 112 -3.69 10.17 -11.72
N THR B 113 -3.50 10.11 -10.39
CA THR B 113 -2.18 10.26 -9.79
C THR B 113 -1.62 8.97 -9.20
N ILE B 114 -2.44 7.93 -9.15
CA ILE B 114 -2.03 6.67 -8.52
C ILE B 114 -1.25 5.77 -9.47
N PRO B 115 0.06 5.63 -9.23
CA PRO B 115 0.92 4.81 -10.09
C PRO B 115 0.65 3.33 -9.91
N GLN B 116 0.98 2.54 -10.92
CA GLN B 116 0.77 1.09 -10.86
C GLN B 116 1.56 0.46 -9.72
N SER B 117 2.71 1.03 -9.40
CA SER B 117 3.55 0.55 -8.32
C SER B 117 2.77 0.54 -7.00
N ALA B 118 1.95 1.57 -6.80
CA ALA B 118 1.12 1.66 -5.60
C ALA B 118 -0.04 0.67 -5.66
N THR B 119 -0.63 0.51 -6.84
CA THR B 119 -1.73 -0.43 -7.01
C THR B 119 -1.27 -1.87 -6.79
N GLU B 120 -0.09 -2.19 -7.30
CA GLU B 120 0.50 -3.51 -7.08
C GLU B 120 0.73 -3.75 -5.59
N ALA B 121 1.18 -2.71 -4.90
CA ALA B 121 1.48 -2.80 -3.48
C ALA B 121 0.22 -3.04 -2.63
N VAL B 122 -0.87 -2.37 -2.99
CA VAL B 122 -2.13 -2.57 -2.31
C VAL B 122 -2.65 -3.99 -2.52
N LEU B 123 -2.59 -4.46 -3.76
CA LEU B 123 -3.09 -5.78 -4.12
C LEU B 123 -2.29 -6.91 -3.48
N GLU B 124 -0.96 -6.77 -3.43
CA GLU B 124 -0.12 -7.81 -2.85
C GLU B 124 -0.31 -7.91 -1.33
N ALA B 125 -0.57 -6.77 -0.69
CA ALA B 125 -0.86 -6.77 0.73
C ALA B 125 -2.23 -7.41 0.99
N TRP B 126 -3.13 -7.21 0.03
CA TRP B 126 -4.48 -7.73 0.13
C TRP B 126 -4.50 -9.23 -0.04
N ALA B 127 -3.77 -9.73 -1.04
CA ALA B 127 -3.71 -11.15 -1.32
C ALA B 127 -3.04 -11.92 -0.18
N GLY B 128 -1.96 -11.36 0.33
CA GLY B 128 -1.21 -11.99 1.41
C GLY B 128 -2.03 -12.17 2.67
N GLU B 129 -2.73 -11.11 3.08
CA GLU B 129 -3.55 -11.16 4.30
C GLU B 129 -4.72 -12.12 4.14
N LEU B 130 -5.08 -12.44 2.89
CA LEU B 130 -6.18 -13.35 2.62
C LEU B 130 -5.70 -14.79 2.59
N GLY B 131 -4.38 -14.97 2.60
CA GLY B 131 -3.82 -16.30 2.68
C GLY B 131 -3.27 -16.83 1.38
N ALA B 132 -2.97 -15.92 0.45
CA ALA B 132 -2.35 -16.31 -0.80
C ALA B 132 -0.90 -16.72 -0.52
N ASP B 133 -0.49 -17.85 -1.07
CA ASP B 133 0.88 -18.31 -0.90
C ASP B 133 1.77 -17.67 -1.97
N ILE B 134 2.13 -16.42 -1.76
CA ILE B 134 2.94 -15.67 -2.73
C ILE B 134 4.42 -15.99 -2.54
N ARG B 135 4.94 -16.84 -3.42
CA ARG B 135 6.33 -17.28 -3.33
C ARG B 135 7.22 -16.53 -4.32
N ARG B 136 7.79 -15.42 -3.86
CA ARG B 136 8.68 -14.64 -4.72
C ARG B 136 10.04 -15.31 -4.83
N GLY B 137 10.62 -15.27 -6.03
CA GLY B 137 11.91 -15.89 -6.28
C GLY B 137 11.77 -17.19 -7.04
N HIS B 138 10.53 -17.56 -7.36
CA HIS B 138 10.26 -18.80 -8.07
C HIS B 138 9.89 -18.54 -9.52
N GLU B 139 10.57 -19.22 -10.44
CA GLU B 139 10.28 -19.06 -11.85
C GLU B 139 9.73 -20.34 -12.47
N LEU B 140 8.60 -20.21 -13.16
CA LEU B 140 8.00 -21.33 -13.87
C LEU B 140 8.79 -21.58 -15.15
N THR B 141 9.37 -22.77 -15.27
CA THR B 141 10.20 -23.09 -16.43
C THR B 141 9.56 -24.15 -17.32
N GLY B 142 8.50 -24.79 -16.83
CA GLY B 142 7.84 -25.83 -17.59
C GLY B 142 6.46 -26.20 -17.08
N VAL B 143 5.63 -26.73 -17.99
CA VAL B 143 4.29 -27.16 -17.62
C VAL B 143 3.75 -28.23 -18.57
N ARG B 144 3.24 -29.32 -18.00
CA ARG B 144 2.51 -30.32 -18.77
C ARG B 144 1.15 -30.61 -18.15
N ASP B 145 0.14 -30.77 -19.00
CA ASP B 145 -1.22 -31.02 -18.56
C ASP B 145 -1.48 -32.52 -18.51
N ASP B 146 -1.68 -33.05 -17.29
CA ASP B 146 -1.93 -34.47 -17.11
C ASP B 146 -3.39 -34.81 -17.41
N GLY B 147 -4.17 -33.81 -17.80
CA GLY B 147 -5.57 -34.00 -18.09
C GLY B 147 -6.43 -33.92 -16.84
N ASP B 148 -5.97 -34.55 -15.77
CA ASP B 148 -6.67 -34.54 -14.50
C ASP B 148 -5.94 -33.68 -13.49
N GLY B 149 -4.83 -33.10 -13.93
CA GLY B 149 -4.04 -32.20 -13.10
C GLY B 149 -2.98 -31.53 -13.95
N VAL B 150 -2.20 -30.64 -13.35
CA VAL B 150 -1.13 -29.97 -14.07
C VAL B 150 0.19 -30.09 -13.34
N ALA B 151 1.24 -30.48 -14.07
CA ALA B 151 2.58 -30.57 -13.50
C ALA B 151 3.37 -29.30 -13.81
N VAL B 152 3.80 -28.61 -12.76
CA VAL B 152 4.47 -27.32 -12.93
C VAL B 152 5.92 -27.33 -12.45
N THR B 153 6.85 -27.28 -13.40
CA THR B 153 8.27 -27.21 -13.09
C THR B 153 8.66 -25.80 -12.65
N VAL B 154 9.35 -25.70 -11.52
CA VAL B 154 9.65 -24.41 -10.91
C VAL B 154 11.13 -24.31 -10.53
N ARG B 155 11.69 -23.10 -10.62
CA ARG B 155 13.05 -22.86 -10.15
C ARG B 155 13.07 -21.83 -9.02
N GLY B 156 13.34 -22.29 -7.81
CA GLY B 156 13.32 -21.43 -6.63
C GLY B 156 14.68 -21.23 -5.98
N PRO B 157 14.69 -20.62 -4.78
CA PRO B 157 15.91 -20.26 -4.04
C PRO B 157 16.77 -21.47 -3.67
N ALA B 158 16.19 -22.66 -3.70
CA ALA B 158 16.93 -23.88 -3.42
C ALA B 158 17.43 -24.48 -4.73
N GLY B 159 16.50 -24.77 -5.63
CA GLY B 159 16.83 -25.34 -6.92
C GLY B 159 15.58 -25.57 -7.75
N GLU B 160 15.63 -26.57 -8.62
CA GLU B 160 14.48 -26.91 -9.46
C GLU B 160 13.63 -28.02 -8.84
N HIS B 161 12.37 -27.70 -8.56
CA HIS B 161 11.44 -28.69 -8.02
C HIS B 161 10.18 -28.80 -8.89
N VAL B 162 9.20 -29.57 -8.43
CA VAL B 162 7.97 -29.76 -9.18
C VAL B 162 6.72 -29.66 -8.31
N LEU B 163 5.84 -28.72 -8.65
CA LEU B 163 4.54 -28.60 -8.00
C LEU B 163 3.46 -29.13 -8.92
N ARG B 164 2.46 -29.79 -8.34
CA ARG B 164 1.30 -30.21 -9.13
C ARG B 164 0.03 -29.54 -8.59
N ALA B 165 -0.94 -29.32 -9.47
CA ALA B 165 -2.14 -28.60 -9.10
C ALA B 165 -3.34 -28.98 -9.96
N GLY B 166 -4.52 -28.61 -9.49
CA GLY B 166 -5.74 -28.82 -10.26
C GLY B 166 -5.77 -27.94 -11.49
N TRP B 167 -5.45 -26.67 -11.31
CA TRP B 167 -5.50 -25.71 -12.40
C TRP B 167 -4.29 -24.79 -12.44
N LEU B 168 -3.82 -24.49 -13.64
CA LEU B 168 -2.75 -23.50 -13.81
C LEU B 168 -3.30 -22.28 -14.52
N VAL B 169 -3.02 -21.10 -13.96
CA VAL B 169 -3.38 -19.85 -14.62
C VAL B 169 -2.13 -19.05 -14.92
N GLY B 170 -1.96 -18.68 -16.18
CA GLY B 170 -0.81 -17.88 -16.58
C GLY B 170 -1.10 -16.39 -16.53
N CYS B 171 -0.58 -15.74 -15.50
CA CYS B 171 -0.66 -14.29 -15.39
C CYS B 171 0.76 -13.74 -15.42
N ASP B 172 1.56 -14.26 -16.35
CA ASP B 172 3.00 -14.01 -16.37
C ASP B 172 3.46 -13.01 -17.43
N GLY B 173 2.60 -12.05 -17.75
CA GLY B 173 2.98 -10.97 -18.65
C GLY B 173 2.98 -11.35 -20.12
N GLY B 174 3.38 -10.39 -20.96
CA GLY B 174 3.32 -10.56 -22.40
C GLY B 174 4.31 -11.56 -22.96
N ARG B 175 5.37 -11.83 -22.22
CA ARG B 175 6.38 -12.81 -22.64
C ARG B 175 6.09 -14.17 -22.03
N SER B 176 4.85 -14.34 -21.57
CA SER B 176 4.38 -15.51 -20.82
C SER B 176 5.00 -16.87 -21.13
N ALA B 177 5.65 -17.45 -20.12
CA ALA B 177 6.19 -18.80 -20.23
C ALA B 177 5.09 -19.84 -20.41
N VAL B 178 4.03 -19.71 -19.62
CA VAL B 178 2.90 -20.63 -19.65
C VAL B 178 2.27 -20.71 -21.03
N ARG B 179 2.10 -19.55 -21.66
CA ARG B 179 1.50 -19.48 -22.99
C ARG B 179 2.30 -20.29 -24.02
N LYS B 180 3.61 -20.18 -23.95
CA LYS B 180 4.50 -20.80 -24.93
C LYS B 180 4.69 -22.29 -24.68
N ALA B 181 4.71 -22.69 -23.41
CA ALA B 181 4.98 -24.07 -23.05
C ALA B 181 3.77 -24.99 -23.22
N VAL B 182 2.59 -24.39 -23.32
CA VAL B 182 1.36 -25.15 -23.50
C VAL B 182 0.94 -25.13 -24.97
N GLY B 183 1.40 -24.11 -25.70
CA GLY B 183 1.24 -24.06 -27.14
C GLY B 183 0.02 -23.29 -27.61
N PHE B 184 -0.28 -22.19 -26.93
CA PHE B 184 -1.37 -21.33 -27.34
C PHE B 184 -1.07 -20.67 -28.68
N ASP B 185 -2.09 -20.59 -29.53
CA ASP B 185 -1.97 -19.85 -30.78
C ASP B 185 -2.10 -18.36 -30.44
N PHE B 186 -1.10 -17.58 -30.83
CA PHE B 186 -1.02 -16.18 -30.43
C PHE B 186 -0.97 -15.24 -31.63
N PRO B 187 -2.05 -15.20 -32.45
CA PRO B 187 -2.02 -14.41 -33.69
C PRO B 187 -2.17 -12.92 -33.45
N GLY B 188 -1.80 -12.13 -34.46
CA GLY B 188 -1.87 -10.69 -34.38
C GLY B 188 -0.89 -10.05 -35.35
N THR B 189 -0.53 -8.79 -35.09
CA THR B 189 0.42 -8.09 -35.94
C THR B 189 1.71 -7.83 -35.18
N ALA B 190 2.84 -8.03 -35.86
CA ALA B 190 4.14 -7.84 -35.23
C ALA B 190 4.46 -6.37 -35.05
N ALA B 191 5.51 -6.08 -34.28
CA ALA B 191 5.93 -4.71 -34.04
C ALA B 191 6.41 -4.04 -35.33
N THR B 192 6.06 -2.78 -35.51
CA THR B 192 6.47 -2.04 -36.69
C THR B 192 7.45 -0.92 -36.32
N ARG B 193 7.58 -0.66 -35.03
CA ARG B 193 8.48 0.38 -34.54
C ARG B 193 8.85 0.19 -33.08
N GLU B 194 9.78 1.02 -32.61
CA GLU B 194 10.15 1.04 -31.20
C GLU B 194 9.91 2.45 -30.65
N MET B 195 9.49 2.52 -29.39
CA MET B 195 9.23 3.80 -28.76
C MET B 195 9.89 3.84 -27.38
N PHE B 196 10.16 5.04 -26.89
CA PHE B 196 10.80 5.20 -25.60
C PHE B 196 9.93 5.95 -24.61
N LEU B 197 10.02 5.57 -23.34
CA LEU B 197 9.36 6.29 -22.27
C LEU B 197 10.38 6.58 -21.17
N ALA B 198 10.37 7.81 -20.67
CA ALA B 198 11.35 8.20 -19.66
C ALA B 198 10.75 9.16 -18.64
N ASP B 199 10.81 8.78 -17.37
CA ASP B 199 10.46 9.68 -16.29
C ASP B 199 11.73 10.40 -15.86
N LEU B 200 11.70 11.74 -15.93
CA LEU B 200 12.91 12.52 -15.76
C LEU B 200 12.87 13.50 -14.61
N ARG B 201 13.99 13.59 -13.89
CA ARG B 201 14.12 14.50 -12.77
C ARG B 201 15.30 15.43 -13.06
N GLY B 202 15.01 16.69 -13.33
CA GLY B 202 16.06 17.67 -13.53
C GLY B 202 16.02 18.39 -14.86
N VAL B 203 14.84 18.43 -15.47
CA VAL B 203 14.64 19.20 -16.70
C VAL B 203 13.30 19.92 -16.67
N GLU B 204 13.28 21.12 -17.25
CA GLU B 204 12.03 21.86 -17.39
C GLU B 204 11.49 21.68 -18.79
N LEU B 205 10.60 20.72 -18.97
CA LEU B 205 9.99 20.45 -20.27
C LEU B 205 8.54 20.87 -20.31
N GLU B 206 8.17 21.61 -21.35
CA GLU B 206 6.81 22.10 -21.52
C GLU B 206 5.93 21.02 -22.16
N PRO B 207 4.68 20.91 -21.70
CA PRO B 207 3.71 19.89 -22.14
C PRO B 207 3.29 20.21 -23.57
N ARG B 208 4.25 20.30 -24.50
CA ARG B 208 3.95 20.44 -25.93
C ARG B 208 2.63 21.04 -26.37
N SER B 213 2.85 18.07 -34.59
CA SER B 213 3.03 17.34 -35.84
C SER B 213 4.32 17.75 -36.54
N LEU B 214 5.42 17.73 -35.80
CA LEU B 214 6.73 18.05 -36.34
C LEU B 214 7.34 16.85 -37.04
N PRO B 215 8.26 17.08 -37.98
CA PRO B 215 8.93 15.97 -38.66
C PRO B 215 9.89 15.25 -37.72
N GLY B 216 10.46 14.15 -38.17
CA GLY B 216 11.40 13.40 -37.35
C GLY B 216 10.73 12.50 -36.33
N GLY B 217 9.45 12.73 -36.08
CA GLY B 217 8.70 11.92 -35.14
C GLY B 217 7.79 12.74 -34.24
N MET B 218 7.08 12.06 -33.35
CA MET B 218 6.18 12.74 -32.42
C MET B 218 6.70 12.59 -30.99
N VAL B 219 6.27 13.49 -30.12
CA VAL B 219 6.75 13.52 -28.75
C VAL B 219 5.62 13.92 -27.79
N MET B 220 5.57 13.27 -26.64
CA MET B 220 4.60 13.64 -25.60
C MET B 220 5.35 14.03 -24.34
N VAL B 221 4.85 15.05 -23.65
CA VAL B 221 5.48 15.56 -22.44
C VAL B 221 4.44 15.87 -21.36
N GLY B 222 4.57 15.24 -20.21
CA GLY B 222 3.67 15.49 -19.10
C GLY B 222 4.37 15.39 -17.75
N PRO B 223 3.83 16.08 -16.74
CA PRO B 223 4.40 16.07 -15.39
C PRO B 223 3.93 14.89 -14.57
N LEU B 224 4.73 14.51 -13.58
CA LEU B 224 4.36 13.48 -12.62
C LEU B 224 4.48 14.06 -11.21
N PRO B 225 3.88 13.40 -10.21
CA PRO B 225 4.04 13.89 -8.83
C PRO B 225 5.50 13.83 -8.38
N GLY B 226 5.93 14.84 -7.64
CA GLY B 226 7.27 14.86 -7.07
C GLY B 226 8.32 15.41 -8.01
N GLY B 227 7.94 16.39 -8.83
CA GLY B 227 8.86 17.05 -9.73
C GLY B 227 9.45 16.12 -10.77
N VAL B 228 8.66 15.18 -11.25
CA VAL B 228 9.11 14.24 -12.27
C VAL B 228 8.43 14.53 -13.59
N THR B 229 9.20 14.53 -14.67
CA THR B 229 8.66 14.77 -16.00
C THR B 229 8.66 13.49 -16.83
N ARG B 230 7.48 13.16 -17.37
CA ARG B 230 7.31 11.97 -18.18
C ARG B 230 7.35 12.34 -19.66
N ILE B 231 8.24 11.69 -20.42
CA ILE B 231 8.28 11.93 -21.86
C ILE B 231 8.09 10.64 -22.64
N ILE B 232 7.43 10.76 -23.80
CA ILE B 232 7.24 9.66 -24.71
C ILE B 232 7.98 9.98 -26.01
N VAL B 233 8.91 9.11 -26.39
CA VAL B 233 9.68 9.35 -27.61
C VAL B 233 9.36 8.33 -28.69
N CYS B 234 8.63 8.78 -29.72
CA CYS B 234 8.28 7.93 -30.85
C CYS B 234 8.90 8.49 -32.13
N GLU B 235 10.16 8.16 -32.38
CA GLU B 235 10.86 8.69 -33.53
C GLU B 235 10.34 8.09 -34.83
N ARG B 236 10.34 8.89 -35.89
CA ARG B 236 9.87 8.43 -37.19
C ARG B 236 10.84 7.41 -37.79
N ASP B 237 10.27 6.35 -38.37
CA ASP B 237 11.06 5.27 -38.97
C ASP B 237 12.10 4.71 -38.03
N ALA B 238 11.67 4.31 -36.84
CA ALA B 238 12.52 3.62 -35.88
C ALA B 238 12.21 2.13 -35.92
N PRO B 239 13.25 1.30 -35.93
CA PRO B 239 13.09 -0.15 -36.03
C PRO B 239 12.76 -0.81 -34.70
N PRO B 240 11.96 -1.88 -34.72
CA PRO B 240 11.57 -2.64 -33.53
C PRO B 240 12.68 -3.57 -33.04
N ARG B 241 13.22 -3.27 -31.86
CA ARG B 241 14.26 -4.08 -31.27
C ARG B 241 13.73 -4.95 -30.13
N ARG B 242 14.08 -6.23 -30.16
CA ARG B 242 13.81 -7.11 -29.04
C ARG B 242 14.67 -6.64 -27.89
N ARG B 243 14.05 -6.37 -26.75
CA ARG B 243 14.76 -5.80 -25.61
C ARG B 243 14.84 -6.78 -24.44
N THR B 244 15.84 -6.59 -23.59
CA THR B 244 16.02 -7.43 -22.41
C THR B 244 15.21 -7.00 -21.15
N GLY B 245 15.28 -5.74 -20.72
CA GLY B 245 16.11 -4.71 -21.30
C GLY B 245 15.62 -3.29 -21.13
N PRO B 246 16.19 -2.57 -20.16
CA PRO B 246 16.00 -1.11 -20.06
C PRO B 246 16.89 -0.43 -21.09
N PRO B 247 16.37 0.58 -21.80
CA PRO B 247 17.16 1.29 -22.80
C PRO B 247 18.22 2.17 -22.15
N PRO B 248 19.38 2.33 -22.81
CA PRO B 248 20.38 3.27 -22.30
C PRO B 248 19.83 4.68 -22.46
N PHE B 249 20.05 5.53 -21.46
CA PHE B 249 19.46 6.86 -21.46
C PHE B 249 19.92 7.72 -22.63
N HIS B 250 21.18 7.61 -23.00
CA HIS B 250 21.73 8.40 -24.10
C HIS B 250 21.07 8.07 -25.43
N GLU B 251 20.63 6.83 -25.59
CA GLU B 251 19.94 6.42 -26.80
C GLU B 251 18.57 7.09 -26.87
N VAL B 252 17.95 7.24 -25.70
CA VAL B 252 16.65 7.90 -25.59
C VAL B 252 16.82 9.41 -25.75
N ALA B 253 17.91 9.94 -25.20
CA ALA B 253 18.19 11.36 -25.24
C ALA B 253 18.54 11.83 -26.66
N ASP B 254 19.25 10.99 -27.41
CA ASP B 254 19.60 11.32 -28.79
C ASP B 254 18.38 11.26 -29.70
N ALA B 255 17.50 10.30 -29.43
CA ALA B 255 16.25 10.18 -30.18
C ALA B 255 15.38 11.41 -29.93
N TRP B 256 15.34 11.83 -28.66
CA TRP B 256 14.62 13.03 -28.27
C TRP B 256 15.21 14.28 -28.93
N LYS B 257 16.52 14.45 -28.79
CA LYS B 257 17.18 15.64 -29.32
C LYS B 257 17.09 15.73 -30.84
N ARG B 258 17.05 14.56 -31.50
CA ARG B 258 16.90 14.52 -32.94
C ARG B 258 15.54 15.05 -33.37
N ILE B 259 14.52 14.81 -32.55
CA ILE B 259 13.15 15.22 -32.87
C ILE B 259 12.86 16.66 -32.47
N THR B 260 13.21 17.02 -31.25
CA THR B 260 12.81 18.30 -30.67
C THR B 260 13.88 19.39 -30.77
N GLY B 261 15.13 18.96 -30.78
CA GLY B 261 16.24 19.91 -30.82
C GLY B 261 16.57 20.43 -29.43
N ILE B 262 16.12 19.72 -28.42
CA ILE B 262 16.38 20.09 -27.03
C ILE B 262 17.25 19.04 -26.35
N ASP B 263 18.40 19.46 -25.84
CA ASP B 263 19.32 18.54 -25.21
C ASP B 263 18.92 18.25 -23.77
N ILE B 264 18.68 16.99 -23.45
CA ILE B 264 18.30 16.58 -22.11
C ILE B 264 19.27 15.55 -21.53
N SER B 265 20.42 15.39 -22.17
CA SER B 265 21.38 14.36 -21.79
C SER B 265 21.97 14.55 -20.38
N ALA B 266 21.69 15.70 -19.78
CA ALA B 266 22.18 15.99 -18.43
C ALA B 266 21.10 15.80 -17.37
N ALA B 267 19.98 15.23 -17.77
CA ALA B 267 18.89 14.96 -16.85
C ALA B 267 19.18 13.73 -16.00
N GLU B 268 18.32 13.47 -15.02
CA GLU B 268 18.46 12.29 -14.18
C GLU B 268 17.28 11.34 -14.42
N PRO B 269 17.57 10.17 -15.01
CA PRO B 269 16.55 9.16 -15.30
C PRO B 269 15.99 8.52 -14.03
N VAL B 270 14.68 8.65 -13.83
CA VAL B 270 13.99 7.97 -12.74
C VAL B 270 13.63 6.56 -13.21
N TRP B 271 13.25 6.45 -14.48
CA TRP B 271 12.87 5.18 -15.05
C TRP B 271 12.79 5.25 -16.58
N LEU B 272 13.35 4.24 -17.24
CA LEU B 272 13.33 4.19 -18.70
C LEU B 272 12.77 2.85 -19.17
N SER B 273 12.06 2.87 -20.29
CA SER B 273 11.55 1.63 -20.89
C SER B 273 11.34 1.77 -22.39
N ALA B 274 11.47 0.66 -23.11
CA ALA B 274 11.25 0.64 -24.55
C ALA B 274 10.14 -0.35 -24.88
N PHE B 275 9.29 0.01 -25.84
CA PHE B 275 8.16 -0.85 -26.19
C PHE B 275 7.80 -0.78 -27.67
N GLY B 276 7.03 -1.76 -28.12
CA GLY B 276 6.60 -1.83 -29.51
C GLY B 276 5.10 -1.71 -29.63
N ASP B 277 4.61 -1.70 -30.87
CA ASP B 277 3.20 -1.55 -31.13
C ASP B 277 2.57 -2.88 -31.54
N ALA B 278 3.25 -3.97 -31.20
CA ALA B 278 2.76 -5.31 -31.51
C ALA B 278 1.49 -5.62 -30.74
N THR B 279 0.47 -6.09 -31.46
CA THR B 279 -0.79 -6.47 -30.82
C THR B 279 -1.14 -7.92 -31.15
N ARG B 280 -1.27 -8.73 -30.11
CA ARG B 280 -1.64 -10.14 -30.26
C ARG B 280 -2.62 -10.56 -29.18
N GLN B 281 -3.34 -11.65 -29.44
CA GLN B 281 -4.31 -12.17 -28.49
C GLN B 281 -4.48 -13.67 -28.72
N VAL B 282 -4.43 -14.44 -27.64
CA VAL B 282 -4.59 -15.89 -27.76
C VAL B 282 -5.96 -16.24 -28.32
N THR B 283 -6.00 -17.24 -29.19
CA THR B 283 -7.25 -17.68 -29.80
C THR B 283 -8.20 -18.26 -28.77
N GLU B 284 -7.63 -18.81 -27.70
CA GLU B 284 -8.42 -19.39 -26.63
C GLU B 284 -7.81 -19.09 -25.26
N TYR B 285 -8.64 -18.63 -24.34
CA TYR B 285 -8.17 -18.28 -23.00
C TYR B 285 -7.97 -19.54 -22.16
N ARG B 286 -8.48 -20.66 -22.66
CA ARG B 286 -8.40 -21.92 -21.92
C ARG B 286 -7.95 -23.09 -22.79
N ARG B 287 -6.95 -23.81 -22.30
CA ARG B 287 -6.50 -25.04 -22.92
C ARG B 287 -6.41 -26.11 -21.85
N GLY B 288 -7.42 -26.95 -21.77
CA GLY B 288 -7.47 -27.99 -20.76
C GLY B 288 -7.55 -27.38 -19.37
N ARG B 289 -6.60 -27.74 -18.51
CA ARG B 289 -6.58 -27.22 -17.16
C ARG B 289 -5.63 -26.04 -17.01
N VAL B 290 -5.36 -25.38 -18.13
CA VAL B 290 -4.50 -24.20 -18.15
C VAL B 290 -5.24 -22.99 -18.71
N LEU B 291 -5.27 -21.91 -17.94
CA LEU B 291 -5.91 -20.69 -18.39
C LEU B 291 -4.94 -19.51 -18.41
N LEU B 292 -5.30 -18.46 -19.14
CA LEU B 292 -4.47 -17.26 -19.25
C LEU B 292 -5.25 -15.99 -18.92
N ALA B 293 -4.55 -15.02 -18.34
CA ALA B 293 -5.16 -13.75 -17.98
C ALA B 293 -4.15 -12.61 -18.09
N GLY B 294 -4.66 -11.40 -18.29
CA GLY B 294 -3.80 -10.23 -18.38
C GLY B 294 -3.02 -10.19 -19.68
N ASP B 295 -1.80 -9.67 -19.61
CA ASP B 295 -0.95 -9.52 -20.79
C ASP B 295 -0.57 -10.86 -21.41
N ALA B 296 -0.74 -11.94 -20.65
CA ALA B 296 -0.46 -13.28 -21.15
C ALA B 296 -1.48 -13.69 -22.19
N ALA B 297 -2.70 -13.17 -22.06
CA ALA B 297 -3.77 -13.48 -23.00
C ALA B 297 -3.81 -12.49 -24.15
N HIS B 298 -3.50 -11.24 -23.84
CA HIS B 298 -3.59 -10.16 -24.82
C HIS B 298 -2.48 -9.15 -24.66
N VAL B 299 -1.70 -8.95 -25.73
CA VAL B 299 -0.63 -7.96 -25.71
C VAL B 299 -0.95 -6.83 -26.70
N HIS B 300 -0.61 -5.61 -26.33
CA HIS B 300 -0.88 -4.45 -27.17
C HIS B 300 -0.06 -3.25 -26.74
N LEU B 301 -0.22 -2.14 -27.46
CA LEU B 301 0.49 -0.90 -27.17
C LEU B 301 0.29 -0.46 -25.73
N PRO B 302 1.35 -0.55 -24.92
CA PRO B 302 1.32 -0.29 -23.48
C PRO B 302 0.80 1.10 -23.12
N ALA B 303 1.23 2.12 -23.85
CA ALA B 303 0.75 3.48 -23.62
C ALA B 303 -0.58 3.72 -24.33
N GLY B 304 -1.65 3.20 -23.74
CA GLY B 304 -2.98 3.36 -24.27
C GLY B 304 -3.99 3.41 -23.14
N GLY B 305 -3.50 3.11 -21.93
CA GLY B 305 -4.31 3.23 -20.73
C GLY B 305 -5.38 2.18 -20.53
N GLN B 306 -5.08 0.93 -20.85
CA GLN B 306 -6.09 -0.13 -20.78
C GLN B 306 -5.56 -1.46 -20.22
N GLY B 307 -4.27 -1.71 -20.41
CA GLY B 307 -3.67 -3.00 -20.06
C GLY B 307 -3.90 -3.53 -18.66
N MET B 308 -3.49 -2.75 -17.66
CA MET B 308 -3.68 -3.14 -16.27
C MET B 308 -5.14 -3.36 -15.95
N ASN B 309 -5.98 -2.46 -16.44
CA ASN B 309 -7.43 -2.54 -16.25
C ASN B 309 -8.01 -3.81 -16.86
N ALA B 310 -7.43 -4.24 -17.97
CA ALA B 310 -7.91 -5.45 -18.65
C ALA B 310 -7.49 -6.70 -17.88
N GLY B 311 -6.32 -6.67 -17.27
CA GLY B 311 -5.82 -7.79 -16.52
C GLY B 311 -6.50 -7.96 -15.17
N ILE B 312 -6.78 -6.84 -14.52
CA ILE B 312 -7.53 -6.85 -13.27
C ILE B 312 -8.97 -7.31 -13.54
N GLN B 313 -9.54 -6.87 -14.65
CA GLN B 313 -10.91 -7.23 -15.00
C GLN B 313 -11.03 -8.66 -15.51
N ASP B 314 -9.94 -9.20 -16.06
CA ASP B 314 -9.93 -10.60 -16.47
C ASP B 314 -9.92 -11.47 -15.23
N ALA B 315 -9.20 -11.03 -14.21
CA ALA B 315 -9.04 -11.78 -12.97
C ALA B 315 -10.33 -11.85 -12.17
N VAL B 316 -11.13 -10.79 -12.22
CA VAL B 316 -12.39 -10.73 -11.48
C VAL B 316 -13.45 -11.57 -12.18
N ASN B 317 -13.32 -11.70 -13.50
CA ASN B 317 -14.24 -12.55 -14.25
C ASN B 317 -14.01 -14.03 -13.97
N LEU B 318 -12.74 -14.41 -13.88
CA LEU B 318 -12.35 -15.81 -13.79
C LEU B 318 -12.37 -16.36 -12.37
N GLY B 319 -11.96 -15.52 -11.41
CA GLY B 319 -11.78 -15.95 -10.04
C GLY B 319 -12.94 -16.70 -9.42
N TRP B 320 -14.12 -16.11 -9.46
CA TRP B 320 -15.29 -16.73 -8.83
C TRP B 320 -15.78 -17.94 -9.61
N LYS B 321 -15.47 -17.98 -10.90
CA LYS B 321 -15.85 -19.10 -11.75
C LYS B 321 -14.92 -20.29 -11.51
N LEU B 322 -13.62 -20.00 -11.42
CA LEU B 322 -12.63 -21.03 -11.15
C LEU B 322 -12.83 -21.59 -9.74
N ALA B 323 -13.29 -20.73 -8.84
CA ALA B 323 -13.55 -21.12 -7.46
C ALA B 323 -14.70 -22.11 -7.39
N ALA B 324 -15.77 -21.83 -8.14
CA ALA B 324 -16.95 -22.69 -8.15
C ALA B 324 -16.64 -24.05 -8.76
N VAL B 325 -15.79 -24.08 -9.77
CA VAL B 325 -15.40 -25.33 -10.40
C VAL B 325 -14.58 -26.20 -9.44
N VAL B 326 -13.65 -25.58 -8.73
CA VAL B 326 -12.84 -26.29 -7.73
C VAL B 326 -13.73 -26.88 -6.64
N ARG B 327 -14.69 -26.12 -6.18
CA ARG B 327 -15.58 -26.59 -5.15
C ARG B 327 -16.56 -27.62 -5.68
N GLY B 328 -16.67 -27.73 -6.98
CA GLY B 328 -17.55 -28.71 -7.59
C GLY B 328 -19.01 -28.32 -7.59
N THR B 329 -19.29 -27.04 -7.40
CA THR B 329 -20.67 -26.56 -7.38
C THR B 329 -21.07 -26.00 -8.74
N ALA B 330 -20.09 -25.79 -9.62
CA ALA B 330 -20.33 -25.15 -10.90
C ALA B 330 -20.97 -26.08 -11.92
N ARG B 331 -21.76 -25.49 -12.82
CA ARG B 331 -22.30 -26.23 -13.95
C ARG B 331 -21.17 -26.47 -14.95
N ALA B 332 -21.30 -27.53 -15.74
CA ALA B 332 -20.22 -27.96 -16.63
C ALA B 332 -19.78 -26.90 -17.65
N ASP B 333 -20.64 -25.93 -17.93
CA ASP B 333 -20.33 -24.92 -18.93
C ASP B 333 -19.94 -23.55 -18.35
N LEU B 334 -19.70 -23.50 -17.04
CA LEU B 334 -19.38 -22.23 -16.40
C LEU B 334 -17.97 -21.72 -16.71
N LEU B 335 -16.98 -22.60 -16.57
CA LEU B 335 -15.58 -22.21 -16.75
C LEU B 335 -15.30 -21.70 -18.17
N ASP B 336 -16.06 -22.22 -19.13
CA ASP B 336 -15.89 -21.81 -20.52
C ASP B 336 -16.42 -20.40 -20.77
N THR B 337 -17.22 -19.87 -19.85
CA THR B 337 -17.72 -18.52 -19.98
C THR B 337 -16.62 -17.50 -19.75
N TYR B 338 -15.51 -17.93 -19.19
CA TYR B 338 -14.34 -17.07 -19.07
C TYR B 338 -13.87 -16.65 -20.46
N HIS B 339 -13.59 -17.63 -21.31
CA HIS B 339 -13.22 -17.35 -22.70
C HIS B 339 -14.37 -16.65 -23.40
N GLY B 340 -15.58 -17.19 -23.26
CA GLY B 340 -16.75 -16.70 -23.95
C GLY B 340 -17.00 -15.21 -23.76
N GLU B 341 -16.81 -14.74 -22.53
CA GLU B 341 -17.07 -13.34 -22.22
C GLU B 341 -15.85 -12.45 -22.44
N ARG B 342 -14.68 -12.94 -22.04
CA ARG B 342 -13.49 -12.10 -22.01
C ARG B 342 -12.72 -11.99 -23.33
N HIS B 343 -12.81 -13.00 -24.17
CA HIS B 343 -12.17 -12.91 -25.49
C HIS B 343 -12.71 -11.77 -26.35
N PRO B 344 -14.05 -11.63 -26.45
CA PRO B 344 -14.56 -10.46 -27.19
C PRO B 344 -14.12 -9.14 -26.58
N VAL B 345 -13.99 -9.09 -25.26
CA VAL B 345 -13.49 -7.90 -24.59
C VAL B 345 -12.06 -7.63 -25.05
N GLY B 346 -11.28 -8.69 -25.17
CA GLY B 346 -9.90 -8.58 -25.64
C GLY B 346 -9.80 -8.13 -27.07
N VAL B 347 -10.67 -8.65 -27.93
CA VAL B 347 -10.71 -8.24 -29.33
C VAL B 347 -10.96 -6.75 -29.44
N ARG B 348 -12.01 -6.30 -28.76
CA ARG B 348 -12.37 -4.88 -28.75
C ARG B 348 -11.29 -4.03 -28.07
N LEU B 349 -10.54 -4.64 -27.16
CA LEU B 349 -9.43 -3.97 -26.49
C LEU B 349 -8.29 -3.69 -27.47
N LEU B 350 -8.04 -4.65 -28.37
CA LEU B 350 -6.98 -4.49 -29.37
C LEU B 350 -7.39 -3.48 -30.43
N MET B 351 -8.66 -3.50 -30.81
CA MET B 351 -9.18 -2.55 -31.78
C MET B 351 -9.03 -1.14 -31.24
N ASN B 352 -9.49 -0.94 -30.01
CA ASN B 352 -9.39 0.35 -29.33
C ASN B 352 -7.95 0.86 -29.25
N THR B 353 -7.04 0.01 -28.82
CA THR B 353 -5.64 0.41 -28.65
C THR B 353 -4.94 0.63 -29.99
N ARG B 354 -5.33 -0.14 -31.00
CA ARG B 354 -4.72 0.00 -32.33
C ARG B 354 -5.19 1.27 -33.02
N ALA B 355 -6.48 1.59 -32.87
CA ALA B 355 -7.05 2.78 -33.47
C ALA B 355 -6.48 4.05 -32.85
N GLN B 356 -6.35 4.06 -31.54
CA GLN B 356 -5.76 5.20 -30.84
C GLN B 356 -4.30 5.37 -31.21
N GLY B 357 -3.62 4.25 -31.41
CA GLY B 357 -2.22 4.25 -31.78
C GLY B 357 -1.97 4.92 -33.12
N LEU B 358 -2.86 4.68 -34.08
CA LEU B 358 -2.73 5.27 -35.41
C LEU B 358 -2.82 6.79 -35.36
N LEU B 359 -3.73 7.30 -34.53
CA LEU B 359 -3.91 8.74 -34.37
C LEU B 359 -2.78 9.37 -33.55
N PHE B 360 -1.82 8.55 -33.15
CA PHE B 360 -0.80 8.97 -32.20
C PHE B 360 0.61 8.96 -32.79
N LEU B 361 0.97 7.84 -33.41
CA LEU B 361 2.35 7.61 -33.83
C LEU B 361 2.65 8.14 -35.22
N ASN B 362 1.75 7.86 -36.17
CA ASN B 362 1.91 8.36 -37.52
C ASN B 362 1.90 9.89 -37.55
N GLY B 363 2.71 10.47 -38.43
CA GLY B 363 2.89 11.91 -38.47
C GLY B 363 1.76 12.67 -39.13
N ALA B 364 2.11 13.41 -40.18
CA ALA B 364 1.16 14.30 -40.85
C ALA B 364 0.25 13.55 -41.82
N GLU B 365 0.66 12.34 -42.20
CA GLU B 365 -0.16 11.53 -43.10
C GLU B 365 -1.46 11.11 -42.43
N MET B 366 -1.49 11.13 -41.11
CA MET B 366 -2.66 10.77 -40.34
C MET B 366 -3.43 12.01 -39.88
N GLN B 367 -2.79 13.17 -40.01
CA GLN B 367 -3.39 14.43 -39.57
C GLN B 367 -4.79 14.75 -40.13
N PRO B 368 -5.02 14.52 -41.44
CA PRO B 368 -6.37 14.82 -41.95
C PRO B 368 -7.46 13.99 -41.27
N LEU B 369 -7.13 12.76 -40.91
CA LEU B 369 -8.10 11.89 -40.26
C LEU B 369 -8.24 12.26 -38.79
N ARG B 370 -7.15 12.76 -38.21
CA ARG B 370 -7.17 13.28 -36.84
C ARG B 370 -8.11 14.46 -36.77
N ASP B 371 -8.00 15.34 -37.77
CA ASP B 371 -8.83 16.54 -37.85
C ASP B 371 -10.31 16.23 -38.01
N VAL B 372 -10.63 15.32 -38.93
CA VAL B 372 -12.01 14.92 -39.17
C VAL B 372 -12.65 14.35 -37.90
N LEU B 373 -11.89 13.51 -37.20
CA LEU B 373 -12.38 12.92 -35.96
C LEU B 373 -12.56 13.99 -34.89
N ALA B 374 -11.59 14.91 -34.81
CA ALA B 374 -11.65 15.99 -33.83
C ALA B 374 -12.87 16.88 -34.03
N GLU B 375 -13.44 16.85 -35.23
CA GLU B 375 -14.64 17.62 -35.53
C GLU B 375 -15.91 16.87 -35.14
N LEU B 376 -15.76 15.58 -34.84
CA LEU B 376 -16.90 14.75 -34.48
C LEU B 376 -17.03 14.57 -32.97
N THR B 377 -15.92 14.80 -32.26
CA THR B 377 -15.88 14.53 -30.82
C THR B 377 -16.60 15.58 -29.97
N GLY B 378 -17.24 16.54 -30.62
CA GLY B 378 -18.02 17.55 -29.92
C GLY B 378 -19.46 17.09 -29.77
N TYR B 379 -19.89 16.22 -30.67
CA TYR B 379 -21.23 15.66 -30.63
C TYR B 379 -21.33 14.69 -29.46
N PRO B 380 -22.25 14.98 -28.52
CA PRO B 380 -22.43 14.18 -27.30
C PRO B 380 -22.67 12.69 -27.58
N ASP B 381 -23.25 12.37 -28.73
CA ASP B 381 -23.41 10.98 -29.13
C ASP B 381 -22.05 10.31 -29.30
N VAL B 382 -21.11 11.05 -29.89
CA VAL B 382 -19.76 10.53 -30.11
C VAL B 382 -18.96 10.50 -28.80
N ALA B 383 -19.07 11.58 -28.03
CA ALA B 383 -18.38 11.69 -26.76
C ALA B 383 -18.73 10.53 -25.83
N ARG B 384 -20.02 10.26 -25.69
CA ARG B 384 -20.49 9.14 -24.87
C ARG B 384 -19.98 7.81 -25.38
N HIS B 385 -20.02 7.63 -26.70
CA HIS B 385 -19.60 6.37 -27.31
C HIS B 385 -18.12 6.09 -27.11
N LEU B 386 -17.28 7.13 -27.26
CA LEU B 386 -15.84 6.97 -27.06
C LEU B 386 -15.52 6.77 -25.58
N ALA B 387 -16.29 7.42 -24.72
CA ALA B 387 -16.08 7.32 -23.28
C ALA B 387 -16.37 5.90 -22.78
N ALA B 388 -17.39 5.27 -23.37
CA ALA B 388 -17.79 3.93 -22.97
C ALA B 388 -16.75 2.89 -23.39
N MET B 389 -16.08 3.12 -24.51
CA MET B 389 -15.01 2.24 -24.96
C MET B 389 -13.86 2.25 -23.97
N VAL B 390 -13.41 3.45 -23.60
CA VAL B 390 -12.25 3.61 -22.75
C VAL B 390 -12.52 3.24 -21.29
N SER B 391 -13.65 3.70 -20.76
CA SER B 391 -13.99 3.45 -19.36
C SER B 391 -14.24 1.97 -19.09
N GLY B 392 -14.73 1.25 -20.10
CA GLY B 392 -15.01 -0.16 -19.98
C GLY B 392 -16.41 -0.43 -19.46
N LEU B 393 -17.25 0.59 -19.48
CA LEU B 393 -18.62 0.47 -19.02
C LEU B 393 -19.54 -0.04 -20.12
N GLU B 394 -19.01 -0.13 -21.35
CA GLU B 394 -19.78 -0.62 -22.48
C GLU B 394 -19.83 -2.14 -22.47
N ILE B 395 -18.99 -2.74 -21.63
CA ILE B 395 -18.89 -4.20 -21.55
C ILE B 395 -20.22 -4.85 -21.21
N ALA B 396 -20.72 -5.66 -22.14
CA ALA B 396 -21.99 -6.34 -21.98
C ALA B 396 -21.89 -7.79 -22.41
N TYR B 397 -21.97 -8.70 -21.44
CA TYR B 397 -21.89 -10.13 -21.72
C TYR B 397 -23.23 -10.66 -22.22
N ASP B 398 -23.17 -11.71 -23.05
CA ASP B 398 -24.37 -12.43 -23.42
C ASP B 398 -24.71 -13.42 -22.31
N VAL B 399 -25.73 -13.09 -21.51
CA VAL B 399 -26.16 -13.94 -20.41
C VAL B 399 -27.57 -14.46 -20.64
N GLY B 400 -28.06 -14.29 -21.86
CA GLY B 400 -29.40 -14.74 -22.21
C GLY B 400 -30.26 -13.62 -22.77
N GLY B 401 -31.43 -13.99 -23.27
CA GLY B 401 -32.33 -13.03 -23.87
C GLY B 401 -33.15 -12.25 -22.85
N GLY B 402 -33.48 -11.01 -23.18
CA GLY B 402 -34.25 -10.16 -22.30
C GLY B 402 -34.11 -8.70 -22.66
N SER B 403 -35.15 -7.93 -22.35
CA SER B 403 -35.18 -6.51 -22.72
C SER B 403 -34.61 -5.60 -21.62
N HIS B 404 -34.34 -6.18 -20.46
CA HIS B 404 -33.86 -5.38 -19.34
C HIS B 404 -32.48 -4.78 -19.63
N PRO B 405 -32.33 -3.46 -19.40
CA PRO B 405 -31.13 -2.69 -19.74
C PRO B 405 -29.87 -3.13 -19.00
N TRP B 406 -30.02 -3.80 -17.86
CA TRP B 406 -28.88 -4.22 -17.06
C TRP B 406 -28.33 -5.58 -17.47
N LEU B 407 -29.17 -6.36 -18.13
CA LEU B 407 -28.89 -7.77 -18.43
C LEU B 407 -27.53 -7.99 -19.11
N GLY B 408 -26.62 -8.62 -18.39
CA GLY B 408 -25.30 -8.93 -18.91
C GLY B 408 -24.28 -7.84 -18.65
N ARG B 409 -24.76 -6.70 -18.17
CA ARG B 409 -23.87 -5.58 -17.89
C ARG B 409 -23.58 -5.47 -16.41
N ARG B 410 -22.71 -4.53 -16.07
CA ARG B 410 -22.36 -4.23 -14.69
C ARG B 410 -23.54 -3.63 -13.93
N LEU B 411 -23.74 -4.08 -12.70
CA LEU B 411 -24.67 -3.42 -11.80
C LEU B 411 -24.02 -2.16 -11.26
N PRO B 412 -24.60 -0.99 -11.58
CA PRO B 412 -24.06 0.27 -11.07
C PRO B 412 -24.21 0.33 -9.55
N ARG B 413 -23.38 1.12 -8.87
CA ARG B 413 -23.43 1.16 -7.42
C ARG B 413 -24.74 1.74 -6.92
N LEU B 414 -25.53 0.89 -6.26
CA LEU B 414 -26.78 1.31 -5.64
C LEU B 414 -26.60 1.38 -4.14
N GLU B 415 -27.28 2.34 -3.52
CA GLU B 415 -27.25 2.49 -2.07
C GLU B 415 -28.57 2.01 -1.50
N LEU B 416 -28.49 1.02 -0.63
CA LEU B 416 -29.69 0.32 -0.18
C LEU B 416 -30.12 0.71 1.22
N ASP B 417 -31.44 0.87 1.38
CA ASP B 417 -32.01 1.09 2.69
C ASP B 417 -32.36 -0.26 3.29
N ARG B 418 -31.72 -0.58 4.41
CA ARG B 418 -31.88 -1.90 5.02
C ARG B 418 -32.13 -1.78 6.53
N PRO B 422 -28.03 0.45 6.30
CA PRO B 422 -27.14 1.42 5.64
C PRO B 422 -25.98 0.76 4.89
N SER B 423 -26.30 0.06 3.81
CA SER B 423 -25.28 -0.62 3.01
C SER B 423 -25.44 -0.30 1.53
N SER B 424 -24.46 -0.74 0.73
CA SER B 424 -24.50 -0.53 -0.72
C SER B 424 -24.29 -1.86 -1.43
N THR B 425 -24.62 -1.90 -2.72
CA THR B 425 -24.41 -3.10 -3.53
C THR B 425 -22.93 -3.44 -3.62
N ALA B 426 -22.08 -2.42 -3.59
CA ALA B 426 -20.63 -2.62 -3.64
C ALA B 426 -20.14 -3.25 -2.34
N GLU B 427 -20.83 -2.96 -1.24
CA GLU B 427 -20.44 -3.47 0.06
C GLU B 427 -20.88 -4.91 0.27
N LEU B 428 -22.05 -5.26 -0.27
CA LEU B 428 -22.59 -6.60 -0.16
C LEU B 428 -21.79 -7.57 -1.03
N LEU B 429 -21.17 -7.03 -2.07
CA LEU B 429 -20.38 -7.84 -3.01
C LEU B 429 -18.96 -8.08 -2.51
N ARG B 430 -18.63 -7.52 -1.35
CA ARG B 430 -17.29 -7.68 -0.78
C ARG B 430 -16.91 -9.15 -0.47
N PRO B 431 -17.85 -9.96 0.06
CA PRO B 431 -17.52 -11.37 0.24
C PRO B 431 -17.39 -12.15 -1.08
N ALA B 432 -17.77 -11.51 -2.19
CA ALA B 432 -17.67 -12.10 -3.53
C ALA B 432 -18.58 -13.31 -3.72
N ARG B 433 -19.81 -13.22 -3.20
CA ARG B 433 -20.81 -14.24 -3.44
C ARG B 433 -21.98 -13.62 -4.18
N GLY B 434 -22.71 -14.44 -4.93
CA GLY B 434 -23.85 -13.97 -5.71
C GLY B 434 -24.91 -13.34 -4.85
N LEU B 435 -25.60 -12.34 -5.40
CA LEU B 435 -26.64 -11.64 -4.67
C LEU B 435 -27.98 -11.72 -5.39
N LEU B 436 -29.01 -12.08 -4.64
CA LEU B 436 -30.37 -11.89 -5.12
C LEU B 436 -30.97 -10.71 -4.35
N LEU B 437 -31.09 -9.58 -5.04
CA LEU B 437 -31.61 -8.37 -4.41
C LEU B 437 -33.12 -8.28 -4.55
N ASP B 438 -33.81 -8.27 -3.43
CA ASP B 438 -35.27 -8.23 -3.40
C ASP B 438 -35.75 -6.83 -3.02
N PHE B 439 -36.25 -6.09 -4.01
CA PHE B 439 -36.70 -4.72 -3.78
C PHE B 439 -38.17 -4.64 -3.40
N ALA B 440 -38.96 -5.60 -3.88
CA ALA B 440 -40.41 -5.56 -3.68
C ALA B 440 -40.82 -6.26 -2.39
N GLY B 441 -39.87 -6.86 -1.69
CA GLY B 441 -40.18 -7.62 -0.49
C GLY B 441 -41.03 -8.83 -0.84
N ASN B 442 -40.71 -9.44 -1.96
CA ASN B 442 -41.49 -10.56 -2.49
C ASN B 442 -41.04 -11.89 -1.88
N ALA B 443 -41.94 -12.51 -1.11
CA ALA B 443 -41.64 -13.78 -0.46
C ALA B 443 -41.65 -14.93 -1.45
N ALA B 444 -42.41 -14.76 -2.54
CA ALA B 444 -42.62 -15.84 -3.50
C ALA B 444 -41.38 -16.19 -4.33
N LEU B 445 -40.57 -15.19 -4.66
CA LEU B 445 -39.36 -15.44 -5.45
C LEU B 445 -38.19 -15.83 -4.57
N ARG B 446 -38.23 -15.43 -3.30
CA ARG B 446 -37.21 -15.82 -2.33
C ARG B 446 -37.26 -17.32 -2.10
N ASP B 447 -38.43 -17.91 -2.31
CA ASP B 447 -38.61 -19.35 -2.14
C ASP B 447 -38.12 -20.11 -3.36
N ARG B 448 -38.16 -19.47 -4.52
CA ARG B 448 -37.65 -20.08 -5.74
C ARG B 448 -36.13 -20.19 -5.68
N ALA B 449 -35.51 -19.30 -4.92
CA ALA B 449 -34.06 -19.25 -4.79
C ALA B 449 -33.54 -20.20 -3.72
N ALA B 450 -34.46 -20.76 -2.94
CA ALA B 450 -34.12 -21.64 -1.82
C ALA B 450 -33.08 -22.74 -2.07
N PRO B 451 -33.19 -23.49 -3.20
CA PRO B 451 -32.20 -24.57 -3.41
C PRO B 451 -30.77 -24.07 -3.50
N TRP B 452 -30.59 -22.81 -3.86
CA TRP B 452 -29.26 -22.23 -4.01
C TRP B 452 -28.83 -21.45 -2.77
N ALA B 453 -29.48 -21.72 -1.64
CA ALA B 453 -29.08 -21.12 -0.38
C ALA B 453 -27.73 -21.69 0.05
N GLY B 454 -26.85 -20.81 0.48
CA GLY B 454 -25.48 -21.20 0.79
C GLY B 454 -24.55 -20.83 -0.34
N ARG B 455 -25.11 -20.61 -1.52
CA ARG B 455 -24.34 -20.20 -2.69
C ARG B 455 -24.54 -18.72 -2.99
N ILE B 456 -25.72 -18.20 -2.65
CA ILE B 456 -26.01 -16.78 -2.82
C ILE B 456 -26.60 -16.20 -1.55
N ASP B 457 -26.60 -14.88 -1.45
CA ASP B 457 -27.26 -14.19 -0.35
C ASP B 457 -28.49 -13.48 -0.86
N VAL B 458 -29.62 -13.67 -0.18
CA VAL B 458 -30.84 -12.98 -0.54
C VAL B 458 -31.00 -11.75 0.35
N VAL B 459 -31.06 -10.58 -0.29
CA VAL B 459 -31.06 -9.32 0.45
C VAL B 459 -32.30 -8.49 0.12
N THR B 460 -33.22 -8.44 1.06
CA THR B 460 -34.42 -7.61 0.90
C THR B 460 -34.12 -6.20 1.38
N ALA B 461 -34.09 -5.25 0.45
CA ALA B 461 -33.78 -3.87 0.78
C ALA B 461 -34.34 -2.91 -0.28
N ARG B 462 -34.31 -1.62 0.04
CA ARG B 462 -34.86 -0.61 -0.86
C ARG B 462 -33.75 0.19 -1.54
N PRO B 463 -33.82 0.30 -2.87
CA PRO B 463 -32.86 1.13 -3.62
C PRO B 463 -33.06 2.60 -3.29
N ALA B 464 -31.98 3.32 -3.02
CA ALA B 464 -32.08 4.71 -2.59
C ALA B 464 -30.97 5.62 -3.13
N ALA B 465 -30.15 5.09 -4.04
CA ALA B 465 -29.07 5.90 -4.62
C ALA B 465 -29.45 6.90 -5.73
N GLY B 466 -30.06 6.48 -6.84
CA GLY B 466 -30.42 5.10 -7.13
C GLY B 466 -30.96 4.92 -8.53
N ARG B 467 -30.08 5.01 -9.53
CA ARG B 467 -30.49 4.86 -10.92
C ARG B 467 -31.01 3.43 -10.99
N VAL B 468 -32.31 3.29 -11.24
CA VAL B 468 -32.92 1.97 -11.35
C VAL B 468 -33.98 2.10 -12.45
N PRO B 469 -33.86 1.27 -13.50
CA PRO B 469 -34.79 1.28 -14.63
C PRO B 469 -36.20 0.90 -14.23
N GLY B 470 -37.18 1.39 -15.00
CA GLY B 470 -38.59 1.04 -14.87
C GLY B 470 -39.11 0.52 -13.55
N ALA B 471 -39.68 -0.68 -13.58
CA ALA B 471 -40.24 -1.30 -12.39
C ALA B 471 -39.42 -2.51 -11.96
N THR B 472 -38.10 -2.32 -11.87
CA THR B 472 -37.22 -3.39 -11.45
C THR B 472 -37.51 -3.78 -10.00
N THR B 473 -37.94 -5.02 -9.81
CA THR B 473 -38.35 -5.49 -8.49
C THR B 473 -37.32 -6.44 -7.88
N ALA B 474 -36.56 -7.12 -8.74
CA ALA B 474 -35.51 -8.02 -8.29
C ALA B 474 -34.40 -8.14 -9.32
N VAL B 475 -33.18 -8.39 -8.83
CA VAL B 475 -32.04 -8.54 -9.71
C VAL B 475 -31.02 -9.54 -9.13
N LEU B 476 -30.57 -10.47 -9.96
CA LEU B 476 -29.58 -11.44 -9.54
C LEU B 476 -28.21 -10.99 -9.97
N VAL B 477 -27.31 -10.81 -9.01
CA VAL B 477 -26.00 -10.25 -9.30
C VAL B 477 -24.89 -11.29 -9.16
N ARG B 478 -24.09 -11.43 -10.21
CA ARG B 478 -22.92 -12.30 -10.18
C ARG B 478 -21.84 -11.71 -9.26
N PRO B 479 -20.96 -12.58 -8.72
CA PRO B 479 -19.85 -12.13 -7.87
C PRO B 479 -18.95 -11.08 -8.53
N ASP B 480 -18.94 -11.02 -9.85
CA ASP B 480 -18.14 -10.00 -10.54
C ASP B 480 -18.92 -8.70 -10.75
N GLY B 481 -20.16 -8.67 -10.28
CA GLY B 481 -20.98 -7.47 -10.34
C GLY B 481 -21.89 -7.39 -11.54
N HIS B 482 -21.80 -8.38 -12.43
CA HIS B 482 -22.62 -8.37 -13.64
C HIS B 482 -24.00 -8.97 -13.40
N VAL B 483 -25.01 -8.34 -13.96
CA VAL B 483 -26.39 -8.80 -13.82
C VAL B 483 -26.66 -10.00 -14.71
N ALA B 484 -27.08 -11.10 -14.10
CA ALA B 484 -27.35 -12.33 -14.83
C ALA B 484 -28.85 -12.48 -15.11
N TRP B 485 -29.66 -11.84 -14.28
CA TRP B 485 -31.11 -11.96 -14.38
C TRP B 485 -31.74 -10.74 -13.73
N ALA B 486 -32.92 -10.36 -14.19
CA ALA B 486 -33.60 -9.18 -13.64
C ALA B 486 -35.10 -9.18 -13.93
N ALA B 487 -35.90 -9.10 -12.86
CA ALA B 487 -37.34 -8.97 -13.00
C ALA B 487 -37.75 -7.50 -13.02
N PRO B 488 -38.49 -7.09 -14.05
CA PRO B 488 -38.89 -7.93 -15.17
C PRO B 488 -38.00 -7.68 -16.38
N GLY B 489 -38.13 -8.51 -17.41
CA GLY B 489 -37.40 -8.29 -18.65
C GLY B 489 -36.27 -9.27 -18.90
N THR B 490 -36.43 -10.50 -18.44
CA THR B 490 -35.47 -11.56 -18.71
C THR B 490 -36.23 -12.82 -19.11
N HIS B 491 -35.91 -13.35 -20.29
CA HIS B 491 -36.60 -14.53 -20.82
C HIS B 491 -36.57 -15.70 -19.84
N ALA B 492 -35.37 -16.17 -19.51
CA ALA B 492 -35.21 -17.22 -18.53
C ALA B 492 -35.66 -16.71 -17.17
N ASP B 493 -36.18 -17.59 -16.34
CA ASP B 493 -36.59 -17.18 -15.00
C ASP B 493 -35.53 -17.54 -13.97
N LEU B 494 -35.70 -17.01 -12.76
CA LEU B 494 -34.69 -17.10 -11.70
C LEU B 494 -34.05 -18.49 -11.48
N PRO B 495 -34.85 -19.57 -11.41
CA PRO B 495 -34.22 -20.88 -11.21
C PRO B 495 -33.27 -21.27 -12.34
N MET B 496 -33.54 -20.81 -13.56
CA MET B 496 -32.68 -21.12 -14.70
C MET B 496 -31.38 -20.34 -14.61
N ALA B 497 -31.49 -19.06 -14.27
CA ALA B 497 -30.31 -18.22 -14.11
C ALA B 497 -29.46 -18.67 -12.93
N LEU B 498 -30.11 -19.09 -11.86
CA LEU B 498 -29.41 -19.58 -10.68
C LEU B 498 -28.62 -20.85 -11.01
N GLU B 499 -29.26 -21.77 -11.72
CA GLU B 499 -28.61 -23.02 -12.11
C GLU B 499 -27.44 -22.72 -13.04
N ARG B 500 -27.63 -21.75 -13.92
CA ARG B 500 -26.62 -21.41 -14.91
C ARG B 500 -25.33 -20.88 -14.30
N TRP B 501 -25.45 -19.94 -13.38
CA TRP B 501 -24.28 -19.23 -12.87
C TRP B 501 -23.82 -19.71 -11.49
N PHE B 502 -24.71 -20.39 -10.76
CA PHE B 502 -24.37 -20.83 -9.42
C PHE B 502 -24.45 -22.35 -9.28
N GLY B 503 -24.69 -23.01 -10.40
CA GLY B 503 -24.58 -24.46 -10.47
C GLY B 503 -25.85 -25.24 -10.25
N PRO B 504 -25.78 -26.56 -10.47
CA PRO B 504 -26.92 -27.46 -10.34
C PRO B 504 -27.33 -27.65 -8.89
N ALA B 505 -28.63 -27.68 -8.66
CA ALA B 505 -29.19 -28.00 -7.36
C ALA B 505 -30.42 -28.85 -7.57
N PRO B 506 -30.43 -30.07 -7.03
CA PRO B 506 -31.56 -31.01 -7.18
C PRO B 506 -32.91 -30.37 -6.88
N ARG B 507 -33.83 -30.50 -7.82
CA ARG B 507 -35.18 -29.95 -7.71
C ARG B 507 -36.22 -31.00 -8.06
#